data_5LSJ
#
_entry.id   5LSJ
#
_cell.length_a   68.160
_cell.length_b   156.400
_cell.length_c   76.000
_cell.angle_alpha   90.000
_cell.angle_beta   102.820
_cell.angle_gamma   90.000
#
_symmetry.space_group_name_H-M   'P 1 21 1'
#
loop_
_entity.id
_entity.type
_entity.pdbx_description
1 polymer 'Protein MIS12 homolog'
2 polymer 'Polyamine-modulated factor 1'
3 polymer 'Kinetochore-associated protein DSN1 homolog'
4 polymer 'Kinetochore-associated protein NSL1 homolog'
5 polymer 'Centromere protein C'
#
loop_
_entity_poly.entity_id
_entity_poly.type
_entity_poly.pdbx_seq_one_letter_code
_entity_poly.pdbx_strand_id
1 'polypeptide(L)'
;MSVDPMTYEAQFFGFTPQTCMLRIYIAFQDYLFEVMQAVEQVILKKLDGIPDCDISPVQIRKCTEKFLCFMKGHFDNLFS
KMEQLFLQLILRIPSNILLPEDKCKETPYSEEDFQHLQKEIEQLQEKYKTELCTKQALLAELEEQKIVQAKLKQTLTFFD
ELHNVGRDHGTSDFRESLVSLVQNSRKLQNIRDNVEKESKRLKIS
;
A,C
2 'polypeptide(L)'
;MTISRVKLLDTMVDTFLQKLVAAGSYQRFTDCYKCFYQLQPAMTQQIYDKFIAQLQTSIREEISDIKEEGNLEAVLNALD
KIVEEGKVRKEPAWRPSGIPEKDLHSVMAPYFLQQRDTLRRHVQKQEAENQQLADAVLAGRRQVEELQLQVQAQQQAWQA
LHREQRELVAVLREPE
;
B,E
3 'polypeptide(L)'
;MGTLQKCFEDSNGKASDFSLEASVAEMKEYITKFSLERQTWDQLLLHYQQEAKEILSRGSTEAKITEVKVEPMTYLGSSQ
NEVLNTKPDYQKILQNQSKVFDCMELVMDELQGSVKQLQAFMDESTQCFQKVSVQLGKRSMQQLDPSPARKLLKLQLQNP
PAIHGSGSGSCQHHHHHH
;
D,F
4 'polypeptide(L)'
;MGQAWQEASDNCFMDSDIKVLEDQFDEIIVDIATKRKQYPRKILECVIKTIKAKQEILKQYHPVVHPLDLKYDPDPAPHM
ENLKCRGETVAKEISEAMKSLPALIEQGEGFSQVLR
;
N,G
5 'polypeptide(L)' GPLGSMAASGLDHLKNGYRRRFCRPSRARDINTEQGQNVLEILQDCFEEKSLANDFSTNSTKSVPNSTRKIKDTCI P,Q
#
# COMPACT_ATOMS: atom_id res chain seq x y z
N SER A 2 33.93 4.82 9.19
CA SER A 2 33.51 3.48 9.54
C SER A 2 32.04 3.43 9.92
N VAL A 3 31.60 2.28 10.41
CA VAL A 3 30.22 2.04 10.87
C VAL A 3 29.23 2.46 9.80
N ASP A 4 29.21 1.74 8.69
CA ASP A 4 28.27 2.02 7.62
C ASP A 4 26.97 1.26 7.88
N PRO A 5 25.87 1.93 8.24
CA PRO A 5 24.62 1.21 8.48
C PRO A 5 23.95 0.70 7.22
N MET A 6 24.39 1.19 6.05
CA MET A 6 23.79 0.85 4.76
C MET A 6 22.27 0.98 4.81
N THR A 7 21.83 2.17 5.23
CA THR A 7 20.40 2.43 5.34
C THR A 7 19.71 2.33 3.99
N TYR A 8 20.35 2.84 2.93
CA TYR A 8 19.74 2.79 1.61
C TYR A 8 19.91 1.42 0.95
N GLU A 9 20.85 0.60 1.44
CA GLU A 9 20.95 -0.76 0.94
C GLU A 9 19.83 -1.64 1.49
N ALA A 10 19.42 -1.39 2.73
CA ALA A 10 18.12 -1.85 3.20
C ALA A 10 17.06 -1.02 2.49
N GLN A 11 15.79 -1.20 2.87
CA GLN A 11 14.64 -0.54 2.25
C GLN A 11 14.41 -1.11 0.85
N PHE A 12 15.48 -1.60 0.22
CA PHE A 12 15.39 -2.34 -1.03
C PHE A 12 15.41 -3.85 -0.78
N PHE A 13 16.49 -4.34 -0.17
CA PHE A 13 16.52 -5.76 0.19
C PHE A 13 15.60 -6.05 1.37
N GLY A 14 15.70 -5.26 2.42
CA GLY A 14 14.88 -5.48 3.60
C GLY A 14 15.52 -6.30 4.69
N PHE A 15 16.82 -6.57 4.61
CA PHE A 15 17.51 -7.28 5.68
C PHE A 15 18.82 -6.67 6.12
N THR A 16 19.45 -5.83 5.28
CA THR A 16 20.77 -5.21 5.39
C THR A 16 21.79 -6.28 4.99
N PRO A 17 22.86 -5.90 4.32
CA PRO A 17 23.80 -6.89 3.80
C PRO A 17 24.69 -7.52 4.88
N GLN A 18 25.07 -6.74 5.88
CA GLN A 18 25.97 -7.25 6.91
C GLN A 18 25.37 -8.43 7.66
N THR A 19 24.10 -8.29 8.09
CA THR A 19 23.45 -9.40 8.77
C THR A 19 23.42 -10.64 7.88
N CYS A 20 23.12 -10.45 6.59
CA CYS A 20 23.11 -11.56 5.65
C CYS A 20 24.47 -12.23 5.58
N MET A 21 25.53 -11.43 5.54
CA MET A 21 26.88 -11.99 5.55
C MET A 21 27.18 -12.73 6.84
N LEU A 22 26.61 -12.29 7.96
CA LEU A 22 26.77 -13.06 9.20
C LEU A 22 26.10 -14.43 9.08
N ARG A 23 24.86 -14.46 8.58
CA ARG A 23 24.20 -15.75 8.38
C ARG A 23 25.04 -16.66 7.48
N ILE A 24 25.52 -16.12 6.36
CA ILE A 24 26.35 -16.91 5.45
C ILE A 24 27.61 -17.40 6.16
N TYR A 25 28.19 -16.56 7.00
CA TYR A 25 29.41 -16.94 7.72
C TYR A 25 29.14 -18.13 8.64
N ILE A 26 28.15 -18.01 9.52
CA ILE A 26 27.91 -19.09 10.47
C ILE A 26 27.54 -20.38 9.74
N ALA A 27 26.84 -20.27 8.60
CA ALA A 27 26.52 -21.47 7.83
C ALA A 27 27.79 -22.12 7.27
N PHE A 28 28.64 -21.34 6.60
CA PHE A 28 29.86 -21.88 6.02
C PHE A 28 30.74 -22.53 7.08
N GLN A 29 30.97 -21.81 8.18
CA GLN A 29 31.78 -22.36 9.28
C GLN A 29 31.20 -23.68 9.77
N ASP A 30 29.88 -23.71 10.00
CA ASP A 30 29.25 -24.95 10.43
C ASP A 30 29.50 -26.08 9.45
N TYR A 31 29.47 -25.80 8.14
CA TYR A 31 29.68 -26.87 7.17
C TYR A 31 31.12 -27.37 7.19
N LEU A 32 32.09 -26.45 7.30
CA LEU A 32 33.48 -26.87 7.44
C LEU A 32 33.66 -27.80 8.63
N PHE A 33 33.14 -27.41 9.79
CA PHE A 33 33.22 -28.27 10.95
C PHE A 33 32.47 -29.57 10.75
N GLU A 34 31.42 -29.56 9.92
CA GLU A 34 30.70 -30.78 9.60
C GLU A 34 31.60 -31.77 8.86
N VAL A 35 32.25 -31.32 7.78
CA VAL A 35 33.06 -32.27 7.02
C VAL A 35 34.28 -32.70 7.82
N MET A 36 34.81 -31.83 8.69
CA MET A 36 35.92 -32.27 9.53
C MET A 36 35.50 -33.30 10.55
N GLN A 37 34.33 -33.11 11.17
CA GLN A 37 33.78 -34.16 12.03
C GLN A 37 33.62 -35.46 11.26
N ALA A 38 33.18 -35.36 9.99
CA ALA A 38 33.01 -36.54 9.17
C ALA A 38 34.33 -37.28 8.97
N VAL A 39 35.40 -36.55 8.61
CA VAL A 39 36.66 -37.24 8.35
C VAL A 39 37.23 -37.84 9.62
N GLU A 40 37.08 -37.15 10.77
CA GLU A 40 37.60 -37.71 12.01
C GLU A 40 36.87 -38.99 12.37
N GLN A 41 35.54 -38.97 12.35
CA GLN A 41 34.83 -40.19 12.69
C GLN A 41 34.92 -41.26 11.62
N VAL A 42 35.39 -40.93 10.41
CA VAL A 42 35.61 -41.97 9.41
C VAL A 42 36.99 -42.61 9.60
N ILE A 43 38.00 -41.82 9.96
CA ILE A 43 39.31 -42.41 10.20
C ILE A 43 39.32 -43.19 11.51
N LEU A 44 38.52 -42.78 12.49
CA LEU A 44 38.50 -43.50 13.76
C LEU A 44 37.94 -44.91 13.61
N LYS A 45 36.91 -45.08 12.78
CA LYS A 45 36.33 -46.42 12.62
C LYS A 45 37.24 -47.30 11.78
N LYS A 46 37.86 -46.74 10.73
CA LYS A 46 38.91 -47.47 10.04
C LYS A 46 40.12 -47.69 10.96
N LEU A 47 40.32 -46.83 11.96
CA LEU A 47 41.42 -47.01 12.90
C LEU A 47 41.19 -48.20 13.82
N ASP A 48 39.95 -48.64 14.02
CA ASP A 48 39.69 -49.85 14.79
C ASP A 48 40.17 -51.10 14.08
N GLY A 49 40.38 -51.02 12.77
CA GLY A 49 40.82 -52.17 12.00
C GLY A 49 42.31 -52.38 12.09
N ILE A 50 42.89 -52.16 13.25
CA ILE A 50 44.32 -52.36 13.46
C ILE A 50 44.49 -53.61 14.31
N PRO A 51 45.22 -54.59 13.85
CA PRO A 51 45.73 -55.60 14.76
C PRO A 51 47.15 -55.24 15.15
N ASP A 52 47.85 -56.16 15.81
CA ASP A 52 49.26 -55.99 16.15
C ASP A 52 49.51 -54.77 17.01
N CYS A 53 49.26 -53.56 16.50
CA CYS A 53 49.47 -52.35 17.29
C CYS A 53 48.24 -51.44 17.25
N ASP A 54 48.22 -50.49 18.18
CA ASP A 54 47.12 -49.53 18.36
C ASP A 54 47.71 -48.12 18.43
N ILE A 55 46.97 -47.15 17.89
CA ILE A 55 47.38 -45.75 17.91
C ILE A 55 46.27 -44.92 18.55
N SER A 56 46.65 -44.09 19.54
CA SER A 56 45.66 -43.47 20.43
C SER A 56 44.77 -42.50 19.68
N PRO A 57 43.49 -42.39 20.06
CA PRO A 57 42.58 -41.44 19.41
C PRO A 57 42.76 -40.00 19.88
N VAL A 58 43.24 -39.78 21.10
CA VAL A 58 43.44 -38.42 21.59
C VAL A 58 44.47 -37.69 20.74
N GLN A 59 45.42 -38.42 20.16
CA GLN A 59 46.38 -37.81 19.25
C GLN A 59 45.72 -37.43 17.93
N ILE A 60 44.81 -38.27 17.43
CA ILE A 60 44.14 -37.98 16.17
C ILE A 60 43.16 -36.83 16.34
N ARG A 61 42.61 -36.67 17.55
CA ARG A 61 41.71 -35.55 17.82
C ARG A 61 42.43 -34.22 17.66
N LYS A 62 43.58 -34.08 18.31
CA LYS A 62 44.37 -32.85 18.16
C LYS A 62 45.01 -32.75 16.79
N CYS A 63 45.17 -33.87 16.09
CA CYS A 63 45.57 -33.82 14.69
C CYS A 63 44.52 -33.09 13.85
N THR A 64 43.26 -33.54 13.97
CA THR A 64 42.14 -32.84 13.33
C THR A 64 42.07 -31.39 13.81
N GLU A 65 42.40 -31.13 15.08
CA GLU A 65 42.37 -29.77 15.59
C GLU A 65 43.42 -28.91 14.90
N LYS A 66 44.58 -29.50 14.58
CA LYS A 66 45.61 -28.76 13.84
C LYS A 66 45.12 -28.40 12.44
N PHE A 67 44.71 -29.41 11.67
CA PHE A 67 44.22 -29.14 10.32
C PHE A 67 43.05 -28.17 10.34
N LEU A 68 42.24 -28.21 11.40
CA LEU A 68 41.08 -27.34 11.49
C LEU A 68 41.46 -25.91 11.84
N CYS A 69 42.49 -25.73 12.66
CA CYS A 69 42.96 -24.37 12.94
C CYS A 69 43.54 -23.74 11.69
N PHE A 70 44.31 -24.50 10.93
CA PHE A 70 44.76 -24.04 9.62
C PHE A 70 43.57 -23.64 8.75
N MET A 71 42.58 -24.53 8.67
CA MET A 71 41.37 -24.28 7.88
C MET A 71 40.62 -23.04 8.33
N LYS A 72 40.65 -22.73 9.64
CA LYS A 72 39.97 -21.53 10.11
C LYS A 72 40.76 -20.27 9.81
N GLY A 73 42.09 -20.35 9.83
CA GLY A 73 42.86 -19.20 9.39
C GLY A 73 42.52 -18.83 7.96
N HIS A 74 42.77 -19.78 7.04
CA HIS A 74 42.58 -19.46 5.62
C HIS A 74 41.11 -19.24 5.29
N PHE A 75 40.22 -20.03 5.89
CA PHE A 75 38.79 -19.85 5.68
C PHE A 75 38.33 -18.47 6.12
N ASP A 76 38.78 -18.04 7.29
CA ASP A 76 38.32 -16.76 7.84
C ASP A 76 38.83 -15.59 6.99
N ASN A 77 40.12 -15.60 6.67
CA ASN A 77 40.66 -14.52 5.82
C ASN A 77 39.95 -14.47 4.48
N LEU A 78 39.87 -15.62 3.79
CA LEU A 78 39.27 -15.66 2.47
C LEU A 78 37.80 -15.26 2.52
N PHE A 79 37.10 -15.58 3.60
CA PHE A 79 35.71 -15.17 3.72
C PHE A 79 35.59 -13.67 3.95
N SER A 80 36.54 -13.07 4.67
CA SER A 80 36.55 -11.61 4.78
C SER A 80 36.68 -10.97 3.41
N LYS A 81 37.67 -11.38 2.62
CA LYS A 81 37.86 -10.76 1.31
C LYS A 81 36.65 -10.99 0.41
N MET A 82 36.16 -12.23 0.35
CA MET A 82 34.99 -12.53 -0.47
C MET A 82 33.77 -11.76 0.01
N GLU A 83 33.68 -11.48 1.30
CA GLU A 83 32.53 -10.77 1.83
C GLU A 83 32.59 -9.27 1.51
N GLN A 84 33.79 -8.70 1.49
CA GLN A 84 33.91 -7.30 1.08
C GLN A 84 33.64 -7.15 -0.42
N LEU A 85 34.07 -8.12 -1.23
CA LEU A 85 33.65 -8.12 -2.63
C LEU A 85 32.13 -8.23 -2.73
N PHE A 86 31.52 -9.04 -1.87
CA PHE A 86 30.06 -9.14 -1.81
C PHE A 86 29.43 -7.80 -1.53
N LEU A 87 29.97 -7.05 -0.56
CA LEU A 87 29.38 -5.77 -0.20
C LEU A 87 29.68 -4.69 -1.24
N GLN A 88 30.71 -4.88 -2.07
CA GLN A 88 31.01 -3.91 -3.10
C GLN A 88 30.10 -4.10 -4.32
N LEU A 89 30.15 -5.28 -4.93
CA LEU A 89 29.48 -5.47 -6.21
C LEU A 89 28.09 -6.09 -6.11
N ILE A 90 27.70 -6.56 -4.92
CA ILE A 90 26.36 -7.06 -4.68
C ILE A 90 25.86 -6.35 -3.42
N LEU A 91 24.55 -6.42 -3.18
CA LEU A 91 23.96 -5.90 -1.94
C LEU A 91 24.31 -4.44 -1.72
N ARG A 92 24.51 -3.70 -2.81
CA ARG A 92 24.87 -2.29 -2.72
C ARG A 92 24.12 -1.51 -3.78
N ILE A 93 23.51 -0.40 -3.37
CA ILE A 93 22.94 0.56 -4.31
C ILE A 93 24.09 1.46 -4.73
N PRO A 94 24.38 1.57 -6.02
CA PRO A 94 25.64 2.19 -6.45
C PRO A 94 25.86 3.64 -6.03
N SER A 95 24.88 4.24 -5.34
CA SER A 95 24.86 5.65 -4.95
C SER A 95 24.65 6.56 -6.16
N ASN A 96 24.92 6.02 -7.35
CA ASN A 96 24.54 6.65 -8.60
C ASN A 96 23.06 6.42 -8.92
N ILE A 97 22.52 5.30 -8.48
CA ILE A 97 21.17 4.87 -8.80
C ILE A 97 20.20 5.41 -7.75
N LEU A 98 19.00 5.77 -8.19
CA LEU A 98 17.92 6.16 -7.30
C LEU A 98 16.79 5.14 -7.42
N LEU A 99 16.25 4.71 -6.28
CA LEU A 99 15.26 3.64 -6.26
C LEU A 99 13.94 4.11 -6.85
N PRO A 100 13.19 3.20 -7.50
CA PRO A 100 11.88 3.58 -8.03
C PRO A 100 10.89 3.98 -6.95
N GLU A 101 11.16 3.60 -5.69
CA GLU A 101 10.27 3.94 -4.59
C GLU A 101 10.16 5.44 -4.40
N ASP A 102 11.28 6.15 -4.47
CA ASP A 102 11.32 7.59 -4.28
C ASP A 102 11.94 8.23 -5.53
N LYS A 103 11.14 8.27 -6.60
CA LYS A 103 11.50 9.01 -7.80
C LYS A 103 11.13 10.47 -7.71
N CYS A 104 10.09 10.80 -6.93
CA CYS A 104 9.68 12.18 -6.76
C CYS A 104 10.77 13.01 -6.10
N LYS A 105 11.64 12.37 -5.32
CA LYS A 105 12.77 13.05 -4.70
C LYS A 105 13.91 13.31 -5.66
N GLU A 106 13.76 12.95 -6.93
CA GLU A 106 14.83 13.21 -7.91
C GLU A 106 14.93 14.69 -8.22
N THR A 107 13.79 15.36 -8.41
CA THR A 107 13.72 16.81 -8.44
C THR A 107 13.06 17.28 -7.15
N PRO A 108 13.82 17.47 -6.08
CA PRO A 108 13.20 17.73 -4.77
C PRO A 108 12.57 19.11 -4.71
N TYR A 109 11.37 19.17 -4.12
CA TYR A 109 10.72 20.45 -3.88
C TYR A 109 11.23 21.00 -2.56
N SER A 110 11.92 22.13 -2.63
CA SER A 110 12.56 22.71 -1.46
C SER A 110 11.55 23.01 -0.36
N GLU A 111 12.08 23.17 0.86
CA GLU A 111 11.25 23.54 2.00
C GLU A 111 10.58 24.89 1.78
N GLU A 112 11.30 25.83 1.16
CA GLU A 112 10.79 27.19 0.98
C GLU A 112 9.75 27.26 -0.13
N ASP A 113 10.00 26.60 -1.26
CA ASP A 113 9.00 26.53 -2.31
C ASP A 113 7.75 25.83 -1.80
N PHE A 114 7.93 24.83 -0.93
CA PHE A 114 6.81 24.06 -0.41
C PHE A 114 5.95 24.92 0.53
N GLN A 115 6.59 25.58 1.51
CA GLN A 115 5.82 26.44 2.41
C GLN A 115 5.18 27.60 1.67
N HIS A 116 5.93 28.19 0.73
CA HIS A 116 5.37 29.20 -0.15
C HIS A 116 4.10 28.71 -0.83
N LEU A 117 4.13 27.46 -1.31
CA LEU A 117 2.98 26.94 -2.04
C LEU A 117 1.82 26.62 -1.10
N GLN A 118 2.11 26.20 0.13
CA GLN A 118 1.03 26.01 1.11
C GLN A 118 0.33 27.33 1.40
N LYS A 119 1.10 28.37 1.71
CA LYS A 119 0.50 29.68 1.98
C LYS A 119 -0.29 30.16 0.77
N GLU A 120 0.25 29.98 -0.43
CA GLU A 120 -0.50 30.28 -1.65
C GLU A 120 -1.83 29.52 -1.69
N ILE A 121 -1.83 28.25 -1.29
CA ILE A 121 -3.06 27.46 -1.34
C ILE A 121 -4.10 28.03 -0.38
N GLU A 122 -3.71 28.29 0.87
CA GLU A 122 -4.66 28.86 1.84
C GLU A 122 -5.20 30.20 1.36
N GLN A 123 -4.30 31.08 0.91
CA GLN A 123 -4.67 32.41 0.48
C GLN A 123 -5.54 32.38 -0.77
N LEU A 124 -5.40 31.36 -1.61
CA LEU A 124 -6.31 31.20 -2.73
C LEU A 124 -7.66 30.65 -2.30
N GLN A 125 -7.69 29.84 -1.24
CA GLN A 125 -8.98 29.45 -0.68
C GLN A 125 -9.73 30.67 -0.17
N GLU A 126 -9.02 31.55 0.54
CA GLU A 126 -9.64 32.78 1.03
C GLU A 126 -10.06 33.67 -0.13
N LYS A 127 -9.24 33.73 -1.18
CA LYS A 127 -9.55 34.58 -2.33
C LYS A 127 -10.82 34.08 -3.05
N TYR A 128 -10.91 32.77 -3.28
CA TYR A 128 -12.15 32.19 -3.79
C TYR A 128 -13.33 32.54 -2.90
N LYS A 129 -13.12 32.45 -1.58
CA LYS A 129 -14.21 32.71 -0.64
C LYS A 129 -14.70 34.15 -0.70
N THR A 130 -13.81 35.12 -0.98
CA THR A 130 -14.28 36.50 -1.14
C THR A 130 -14.90 36.74 -2.51
N GLU A 131 -14.29 36.17 -3.57
CA GLU A 131 -14.80 36.40 -4.92
C GLU A 131 -16.23 35.89 -5.07
N LEU A 132 -16.56 34.78 -4.42
CA LEU A 132 -17.92 34.27 -4.56
C LEU A 132 -18.94 35.21 -3.91
N CYS A 133 -18.66 35.70 -2.70
CA CYS A 133 -19.61 36.57 -2.04
C CYS A 133 -19.65 37.97 -2.66
N THR A 134 -18.60 38.39 -3.37
CA THR A 134 -18.74 39.64 -4.11
C THR A 134 -19.46 39.43 -5.43
N LYS A 135 -19.39 38.22 -6.00
CA LYS A 135 -20.34 37.86 -7.05
C LYS A 135 -21.76 38.06 -6.55
N GLN A 136 -22.05 37.50 -5.37
CA GLN A 136 -23.40 37.64 -4.83
C GLN A 136 -23.74 39.10 -4.50
N ALA A 137 -22.74 39.90 -4.12
CA ALA A 137 -22.99 41.30 -3.83
C ALA A 137 -23.31 42.10 -5.09
N LEU A 138 -22.55 41.87 -6.16
CA LEU A 138 -22.83 42.53 -7.44
C LEU A 138 -24.20 42.13 -7.96
N LEU A 139 -24.45 40.82 -8.02
CA LEU A 139 -25.74 40.33 -8.50
C LEU A 139 -26.89 40.91 -7.68
N ALA A 140 -26.72 40.95 -6.35
CA ALA A 140 -27.76 41.51 -5.50
C ALA A 140 -27.95 42.99 -5.75
N GLU A 141 -26.87 43.73 -6.00
CA GLU A 141 -27.00 45.15 -6.29
C GLU A 141 -27.71 45.40 -7.61
N LEU A 142 -27.49 44.52 -8.60
CA LEU A 142 -28.16 44.71 -9.88
C LEU A 142 -29.64 44.37 -9.78
N GLU A 143 -29.97 43.30 -9.04
CA GLU A 143 -31.38 42.97 -8.84
C GLU A 143 -32.09 44.06 -8.05
N GLU A 144 -31.40 44.64 -7.06
CA GLU A 144 -31.90 45.82 -6.36
C GLU A 144 -32.04 47.03 -7.28
N GLN A 145 -31.14 47.13 -8.26
CA GLN A 145 -31.06 48.27 -9.17
C GLN A 145 -32.21 48.27 -10.19
N LYS A 146 -32.68 47.08 -10.56
CA LYS A 146 -33.90 46.96 -11.37
C LYS A 146 -35.03 47.82 -10.81
N ILE A 147 -35.19 47.83 -9.48
CA ILE A 147 -36.37 48.43 -8.87
C ILE A 147 -36.35 49.95 -9.04
N VAL A 148 -35.20 50.59 -8.78
CA VAL A 148 -35.13 52.03 -8.95
C VAL A 148 -35.21 52.39 -10.43
N GLN A 149 -34.66 51.53 -11.30
CA GLN A 149 -34.80 51.79 -12.74
C GLN A 149 -36.27 51.83 -13.14
N ALA A 150 -37.07 50.88 -12.66
CA ALA A 150 -38.49 50.85 -13.02
C ALA A 150 -39.28 51.97 -12.35
N LYS A 151 -38.86 52.41 -11.16
CA LYS A 151 -39.58 53.50 -10.50
C LYS A 151 -39.32 54.83 -11.21
N LEU A 152 -38.07 55.07 -11.61
CA LEU A 152 -37.80 56.26 -12.42
C LEU A 152 -38.53 56.20 -13.75
N LYS A 153 -38.61 55.00 -14.35
CA LYS A 153 -39.44 54.87 -15.54
C LYS A 153 -40.91 55.17 -15.23
N GLN A 154 -41.33 54.98 -13.98
CA GLN A 154 -42.71 55.30 -13.63
C GLN A 154 -42.92 56.81 -13.55
N THR A 155 -41.98 57.53 -12.95
CA THR A 155 -42.14 58.99 -12.90
C THR A 155 -42.06 59.59 -14.30
N LEU A 156 -41.12 59.12 -15.12
CA LEU A 156 -41.06 59.58 -16.51
C LEU A 156 -42.36 59.25 -17.24
N THR A 157 -42.95 58.09 -16.94
CA THR A 157 -44.26 57.76 -17.50
C THR A 157 -45.29 58.80 -17.07
N PHE A 158 -45.20 59.26 -15.82
CA PHE A 158 -46.15 60.26 -15.36
C PHE A 158 -45.98 61.60 -16.09
N PHE A 159 -44.73 62.01 -16.34
CA PHE A 159 -44.55 63.27 -17.09
C PHE A 159 -45.07 63.14 -18.51
N ASP A 160 -44.78 62.02 -19.18
CA ASP A 160 -45.29 61.85 -20.54
C ASP A 160 -46.82 61.80 -20.56
N GLU A 161 -47.42 61.18 -19.53
CA GLU A 161 -48.88 61.18 -19.43
C GLU A 161 -49.42 62.57 -19.14
N LEU A 162 -48.64 63.41 -18.46
CA LEU A 162 -49.07 64.78 -18.20
C LEU A 162 -49.03 65.62 -19.47
N HIS A 163 -47.95 65.50 -20.24
CA HIS A 163 -47.90 66.18 -21.53
C HIS A 163 -48.97 65.63 -22.47
N ASN A 164 -49.38 64.37 -22.27
CA ASN A 164 -50.47 63.81 -23.07
C ASN A 164 -51.80 64.44 -22.68
N VAL A 165 -52.06 64.56 -21.37
CA VAL A 165 -53.30 65.14 -20.89
C VAL A 165 -53.35 66.64 -21.16
N GLY A 166 -52.19 67.26 -21.35
CA GLY A 166 -52.14 68.64 -21.80
C GLY A 166 -52.41 68.71 -23.29
N ARG A 167 -51.86 67.75 -24.05
CA ARG A 167 -52.10 67.72 -25.49
C ARG A 167 -53.57 67.63 -25.79
N ASP A 168 -54.26 66.69 -25.16
CA ASP A 168 -55.72 66.75 -25.14
C ASP A 168 -56.16 67.94 -24.28
N HIS A 169 -57.32 68.48 -24.62
CA HIS A 169 -57.94 69.67 -24.03
C HIS A 169 -57.32 70.96 -24.56
N GLY A 170 -56.36 70.90 -25.49
CA GLY A 170 -56.04 72.02 -26.35
C GLY A 170 -54.68 72.65 -26.14
N THR A 171 -54.06 72.50 -24.97
CA THR A 171 -52.80 73.21 -24.67
C THR A 171 -51.69 72.20 -24.40
N SER A 172 -50.96 71.83 -25.46
CA SER A 172 -49.88 70.85 -25.33
C SER A 172 -48.63 71.48 -24.73
N ASP A 173 -48.31 72.72 -25.11
CA ASP A 173 -47.16 73.44 -24.57
C ASP A 173 -47.69 74.62 -23.77
N PHE A 174 -47.53 74.55 -22.45
CA PHE A 174 -48.03 75.62 -21.59
C PHE A 174 -47.26 76.92 -21.81
N ARG A 175 -45.93 76.84 -21.91
CA ARG A 175 -45.11 78.03 -22.05
C ARG A 175 -45.59 78.90 -23.21
N GLU A 176 -45.79 78.30 -24.38
CA GLU A 176 -46.32 79.06 -25.52
C GLU A 176 -47.68 79.67 -25.18
N SER A 177 -48.59 78.87 -24.61
CA SER A 177 -49.87 79.39 -24.19
C SER A 177 -49.70 80.60 -23.28
N LEU A 178 -48.80 80.51 -22.30
CA LEU A 178 -48.57 81.63 -21.40
C LEU A 178 -48.03 82.85 -22.12
N VAL A 179 -47.06 82.67 -23.02
CA VAL A 179 -46.45 83.85 -23.65
C VAL A 179 -47.44 84.53 -24.60
N SER A 180 -48.28 83.75 -25.28
CA SER A 180 -49.28 84.34 -26.15
C SER A 180 -50.38 84.99 -25.33
N LEU A 181 -50.72 84.37 -24.20
CA LEU A 181 -51.81 84.86 -23.37
C LEU A 181 -51.41 86.13 -22.62
N VAL A 182 -50.13 86.26 -22.24
CA VAL A 182 -49.66 87.52 -21.69
C VAL A 182 -49.53 88.55 -22.80
N GLN A 183 -49.15 88.13 -24.00
CA GLN A 183 -49.03 89.08 -25.11
C GLN A 183 -50.38 89.73 -25.40
N ASN A 184 -51.38 88.90 -25.74
CA ASN A 184 -52.72 89.39 -26.01
C ASN A 184 -53.38 89.98 -24.76
N SER A 185 -52.95 89.58 -23.56
CA SER A 185 -53.42 90.26 -22.37
C SER A 185 -52.89 91.69 -22.33
N ARG A 186 -51.65 91.89 -22.77
CA ARG A 186 -51.05 93.22 -22.81
C ARG A 186 -51.75 94.10 -23.85
N LYS A 187 -52.01 93.56 -25.04
CA LYS A 187 -52.80 94.30 -26.02
C LYS A 187 -54.16 94.67 -25.44
N LEU A 188 -54.85 93.70 -24.84
CA LEU A 188 -56.19 93.97 -24.33
C LEU A 188 -56.15 95.05 -23.25
N GLN A 189 -55.17 94.97 -22.36
CA GLN A 189 -54.91 96.06 -21.42
C GLN A 189 -54.83 97.41 -22.13
N ASN A 190 -53.99 97.51 -23.16
CA ASN A 190 -53.78 98.78 -23.84
C ASN A 190 -55.07 99.31 -24.48
N ILE A 191 -55.75 98.46 -25.27
CA ILE A 191 -56.95 98.92 -25.97
C ILE A 191 -58.06 99.18 -24.97
N ARG A 192 -58.04 98.45 -23.86
CA ARG A 192 -59.02 98.67 -22.80
C ARG A 192 -58.85 100.05 -22.17
N ASP A 193 -57.60 100.46 -21.94
CA ASP A 193 -57.37 101.81 -21.42
C ASP A 193 -57.79 102.87 -22.43
N ASN A 194 -57.51 102.64 -23.72
CA ASN A 194 -57.97 103.59 -24.74
C ASN A 194 -59.49 103.71 -24.74
N VAL A 195 -60.19 102.59 -24.55
CA VAL A 195 -61.65 102.63 -24.58
C VAL A 195 -62.22 103.28 -23.32
N GLU A 196 -61.58 103.07 -22.17
CA GLU A 196 -62.06 103.71 -20.95
C GLU A 196 -61.71 105.19 -20.89
N LYS A 197 -60.66 105.61 -21.61
CA LYS A 197 -60.28 107.02 -21.66
C LYS A 197 -60.95 107.75 -22.81
N GLU A 198 -61.58 107.04 -23.74
CA GLU A 198 -62.52 107.66 -24.66
C GLU A 198 -63.96 107.52 -24.18
N SER A 199 -64.18 106.94 -23.01
CA SER A 199 -65.53 106.65 -22.53
C SER A 199 -66.21 107.85 -21.90
N LYS A 200 -65.50 108.96 -21.68
CA LYS A 200 -66.13 110.14 -21.12
C LYS A 200 -65.90 111.36 -22.01
N THR B 2 28.02 -6.36 -17.15
CA THR B 2 26.94 -6.40 -16.18
C THR B 2 27.00 -7.67 -15.32
N ILE B 3 27.06 -8.83 -15.99
CA ILE B 3 27.24 -10.13 -15.36
C ILE B 3 26.05 -10.44 -14.45
N SER B 4 24.98 -9.66 -14.58
CA SER B 4 23.67 -9.94 -13.96
C SER B 4 23.77 -10.23 -12.46
N ARG B 5 24.85 -9.79 -11.82
CA ARG B 5 25.01 -9.86 -10.36
C ARG B 5 24.96 -11.28 -9.79
N VAL B 6 24.29 -12.21 -10.47
CA VAL B 6 24.23 -13.59 -9.97
C VAL B 6 25.44 -14.39 -10.40
N LYS B 7 25.85 -14.28 -11.67
CA LYS B 7 27.11 -14.88 -12.08
C LYS B 7 28.28 -14.24 -11.34
N LEU B 8 28.10 -13.01 -10.85
CA LEU B 8 29.13 -12.42 -10.00
C LEU B 8 29.20 -13.12 -8.64
N LEU B 9 28.05 -13.45 -8.04
CA LEU B 9 28.15 -14.03 -6.72
C LEU B 9 28.58 -15.49 -6.80
N ASP B 10 28.00 -16.25 -7.74
CA ASP B 10 28.49 -17.61 -7.96
C ASP B 10 29.96 -17.61 -8.36
N THR B 11 30.38 -16.60 -9.13
CA THR B 11 31.79 -16.50 -9.50
C THR B 11 32.66 -16.26 -8.27
N MET B 12 32.25 -15.36 -7.38
CA MET B 12 33.11 -15.04 -6.24
C MET B 12 33.11 -16.16 -5.19
N VAL B 13 31.99 -16.87 -5.02
CA VAL B 13 32.05 -18.01 -4.11
C VAL B 13 32.86 -19.14 -4.74
N ASP B 14 32.81 -19.28 -6.07
CA ASP B 14 33.70 -20.22 -6.73
C ASP B 14 35.16 -19.88 -6.46
N THR B 15 35.53 -18.60 -6.62
CA THR B 15 36.87 -18.17 -6.26
C THR B 15 37.17 -18.50 -4.80
N PHE B 16 36.19 -18.30 -3.92
CA PHE B 16 36.38 -18.58 -2.51
C PHE B 16 36.71 -20.05 -2.27
N LEU B 17 36.03 -20.96 -2.98
CA LEU B 17 36.33 -22.38 -2.83
C LEU B 17 37.69 -22.72 -3.42
N GLN B 18 38.01 -22.19 -4.60
CA GLN B 18 39.33 -22.39 -5.18
C GLN B 18 40.43 -21.98 -4.20
N LYS B 19 40.21 -20.87 -3.48
CA LYS B 19 41.21 -20.42 -2.51
C LYS B 19 41.21 -21.31 -1.27
N LEU B 20 40.04 -21.78 -0.83
CA LEU B 20 40.03 -22.69 0.32
C LEU B 20 40.61 -24.04 -0.03
N VAL B 21 40.23 -24.61 -1.19
CA VAL B 21 40.81 -25.87 -1.63
C VAL B 21 42.30 -25.70 -1.93
N ALA B 22 42.73 -24.48 -2.28
CA ALA B 22 44.15 -24.21 -2.39
C ALA B 22 44.86 -24.47 -1.07
N ALA B 23 44.30 -23.97 0.02
CA ALA B 23 44.75 -24.43 1.33
C ALA B 23 44.30 -25.88 1.54
N GLY B 24 44.92 -26.54 2.50
CA GLY B 24 44.66 -27.98 2.63
C GLY B 24 44.92 -28.71 1.33
N SER B 25 46.00 -28.33 0.63
CA SER B 25 46.37 -28.89 -0.66
C SER B 25 46.73 -30.37 -0.62
N TYR B 26 45.91 -31.17 0.08
CA TYR B 26 46.17 -32.59 0.28
C TYR B 26 47.49 -32.83 0.99
N GLN B 27 48.56 -32.15 0.55
CA GLN B 27 49.82 -32.20 1.28
C GLN B 27 49.63 -31.65 2.69
N ARG B 28 48.91 -30.53 2.81
CA ARG B 28 48.63 -29.97 4.11
C ARG B 28 47.73 -30.89 4.92
N PHE B 29 46.92 -31.72 4.25
CA PHE B 29 46.06 -32.65 4.95
C PHE B 29 46.84 -33.84 5.49
N THR B 30 47.81 -34.35 4.72
CA THR B 30 48.54 -35.54 5.14
C THR B 30 49.69 -35.19 6.09
N ASP B 31 50.44 -34.12 5.80
CA ASP B 31 51.66 -33.87 6.54
C ASP B 31 51.41 -33.62 8.03
N CYS B 32 50.22 -33.18 8.40
CA CYS B 32 49.85 -33.20 9.81
C CYS B 32 49.17 -34.50 10.20
N TYR B 33 48.59 -35.22 9.24
CA TYR B 33 47.91 -36.49 9.46
C TYR B 33 48.82 -37.69 9.24
N LYS B 34 50.14 -37.53 9.39
CA LYS B 34 51.07 -38.61 9.07
C LYS B 34 50.70 -39.90 9.78
N CYS B 35 50.44 -39.82 11.08
CA CYS B 35 49.82 -40.95 11.76
C CYS B 35 48.48 -41.25 11.11
N PHE B 36 48.35 -42.47 10.60
CA PHE B 36 47.25 -42.98 9.76
C PHE B 36 47.56 -42.77 8.29
N TYR B 37 48.46 -41.83 7.95
CA TYR B 37 48.79 -41.67 6.54
C TYR B 37 49.75 -42.77 6.06
N GLN B 38 50.63 -43.25 6.94
CA GLN B 38 51.52 -44.34 6.58
C GLN B 38 50.74 -45.62 6.31
N LEU B 39 49.53 -45.75 6.85
CA LEU B 39 48.68 -46.90 6.63
C LEU B 39 47.59 -46.55 5.63
N GLN B 40 47.48 -47.33 4.56
CA GLN B 40 46.47 -47.14 3.51
C GLN B 40 46.45 -45.70 2.99
N PRO B 41 47.47 -45.27 2.23
CA PRO B 41 47.40 -43.94 1.61
C PRO B 41 46.34 -43.84 0.51
N ALA B 42 45.66 -44.94 0.20
CA ALA B 42 44.49 -44.86 -0.67
C ALA B 42 43.27 -44.41 0.13
N MET B 43 43.13 -44.88 1.38
CA MET B 43 42.03 -44.44 2.22
C MET B 43 42.17 -42.97 2.60
N THR B 44 43.39 -42.51 2.85
CA THR B 44 43.60 -41.10 3.19
C THR B 44 43.17 -40.19 2.05
N GLN B 45 43.57 -40.52 0.81
CA GLN B 45 43.19 -39.70 -0.32
C GLN B 45 41.71 -39.82 -0.65
N GLN B 46 41.12 -41.00 -0.43
CA GLN B 46 39.70 -41.18 -0.67
C GLN B 46 38.87 -40.33 0.29
N ILE B 47 39.23 -40.37 1.59
CA ILE B 47 38.48 -39.58 2.57
C ILE B 47 38.74 -38.09 2.39
N TYR B 48 39.95 -37.72 1.95
CA TYR B 48 40.22 -36.32 1.64
C TYR B 48 39.38 -35.84 0.46
N ASP B 49 39.26 -36.68 -0.57
CA ASP B 49 38.44 -36.32 -1.73
C ASP B 49 36.99 -36.19 -1.34
N LYS B 50 36.47 -37.14 -0.55
CA LYS B 50 35.10 -37.01 -0.07
C LYS B 50 34.93 -35.75 0.77
N PHE B 51 35.93 -35.41 1.57
CA PHE B 51 35.87 -34.20 2.39
C PHE B 51 35.76 -32.96 1.51
N ILE B 52 36.64 -32.84 0.51
CA ILE B 52 36.67 -31.63 -0.31
C ILE B 52 35.40 -31.54 -1.15
N ALA B 53 34.92 -32.67 -1.65
CA ALA B 53 33.73 -32.67 -2.50
C ALA B 53 32.49 -32.31 -1.69
N GLN B 54 32.27 -32.98 -0.56
CA GLN B 54 31.08 -32.68 0.23
C GLN B 54 31.15 -31.30 0.86
N LEU B 55 32.36 -30.79 1.11
CA LEU B 55 32.47 -29.40 1.57
C LEU B 55 32.02 -28.42 0.49
N GLN B 56 32.62 -28.51 -0.70
CA GLN B 56 32.31 -27.50 -1.71
C GLN B 56 30.87 -27.63 -2.21
N THR B 57 30.35 -28.85 -2.32
CA THR B 57 28.96 -28.99 -2.76
C THR B 57 27.97 -28.66 -1.64
N SER B 58 28.37 -28.86 -0.38
CA SER B 58 27.50 -28.40 0.71
C SER B 58 27.42 -26.89 0.74
N ILE B 59 28.55 -26.22 0.47
CA ILE B 59 28.57 -24.76 0.54
C ILE B 59 27.87 -24.15 -0.67
N ARG B 60 28.01 -24.78 -1.85
CA ARG B 60 27.30 -24.33 -3.04
C ARG B 60 25.80 -24.59 -2.91
N GLU B 61 25.42 -25.74 -2.35
CA GLU B 61 24.01 -25.97 -2.07
C GLU B 61 23.47 -24.99 -1.06
N GLU B 62 24.34 -24.46 -0.18
CA GLU B 62 23.90 -23.46 0.77
C GLU B 62 23.60 -22.13 0.08
N ILE B 63 24.54 -21.63 -0.73
CA ILE B 63 24.28 -20.35 -1.41
C ILE B 63 23.12 -20.49 -2.40
N SER B 64 22.99 -21.63 -3.05
CA SER B 64 21.82 -21.86 -3.89
C SER B 64 20.55 -21.98 -3.07
N ASP B 65 20.66 -22.37 -1.79
CA ASP B 65 19.49 -22.39 -0.93
C ASP B 65 19.06 -20.98 -0.55
N ILE B 66 20.04 -20.08 -0.32
CA ILE B 66 19.70 -18.70 0.01
C ILE B 66 19.39 -17.87 -1.24
N LYS B 67 19.62 -18.43 -2.44
CA LYS B 67 19.11 -17.78 -3.65
C LYS B 67 17.60 -17.98 -3.77
N GLU B 68 17.08 -19.08 -3.23
CA GLU B 68 15.65 -19.36 -3.21
C GLU B 68 15.00 -18.90 -1.92
N GLU B 69 15.75 -18.24 -1.04
CA GLU B 69 15.21 -17.83 0.26
C GLU B 69 14.14 -16.77 0.10
N GLY B 70 14.50 -15.65 -0.53
CA GLY B 70 13.57 -14.55 -0.70
C GLY B 70 13.54 -14.09 -2.14
N ASN B 71 13.67 -15.04 -3.07
CA ASN B 71 13.78 -14.74 -4.49
C ASN B 71 14.96 -13.79 -4.73
N LEU B 72 16.10 -14.12 -4.12
CA LEU B 72 17.28 -13.27 -4.26
C LEU B 72 17.79 -13.22 -5.69
N GLU B 73 17.59 -14.29 -6.46
CA GLU B 73 17.86 -14.21 -7.89
C GLU B 73 16.98 -13.14 -8.53
N ALA B 74 15.70 -13.12 -8.16
CA ALA B 74 14.78 -12.17 -8.76
C ALA B 74 15.04 -10.74 -8.30
N VAL B 75 15.38 -10.54 -7.03
CA VAL B 75 15.59 -9.18 -6.55
C VAL B 75 16.95 -8.66 -6.95
N LEU B 76 17.96 -9.52 -7.07
CA LEU B 76 19.24 -9.04 -7.58
C LEU B 76 19.15 -8.79 -9.08
N ASN B 77 18.31 -9.55 -9.78
CA ASN B 77 18.07 -9.24 -11.19
C ASN B 77 17.31 -7.92 -11.33
N ALA B 78 16.32 -7.69 -10.47
CA ALA B 78 15.62 -6.41 -10.47
C ALA B 78 16.57 -5.27 -10.16
N LEU B 79 17.53 -5.50 -9.26
CA LEU B 79 18.56 -4.51 -9.00
C LEU B 79 19.44 -4.29 -10.21
N ASP B 80 19.73 -5.37 -10.96
CA ASP B 80 20.45 -5.21 -12.22
C ASP B 80 19.70 -4.28 -13.17
N LYS B 81 18.39 -4.50 -13.31
CA LYS B 81 17.57 -3.63 -14.16
C LYS B 81 17.62 -2.19 -13.67
N ILE B 82 17.39 -1.99 -12.36
CA ILE B 82 17.41 -0.64 -11.79
C ILE B 82 18.77 0.02 -11.99
N VAL B 83 19.84 -0.76 -11.99
CA VAL B 83 21.15 -0.18 -12.22
C VAL B 83 21.33 0.18 -13.69
N GLU B 84 20.80 -0.63 -14.60
CA GLU B 84 20.93 -0.33 -16.02
C GLU B 84 20.12 0.91 -16.39
N GLU B 85 18.86 0.98 -15.95
CA GLU B 85 18.02 2.13 -16.26
C GLU B 85 18.54 3.39 -15.59
N GLY B 86 19.12 3.27 -14.40
CA GLY B 86 19.61 4.44 -13.69
C GLY B 86 20.89 5.02 -14.27
N LYS B 87 21.67 4.21 -14.98
CA LYS B 87 22.88 4.72 -15.62
C LYS B 87 22.51 5.73 -16.69
N VAL B 88 23.34 6.79 -16.79
CA VAL B 88 23.26 7.97 -17.66
C VAL B 88 23.17 9.22 -16.80
N ARG B 89 22.88 9.06 -15.51
CA ARG B 89 22.84 10.19 -14.60
C ARG B 89 24.23 10.52 -14.05
N LYS B 90 24.89 9.54 -13.44
CA LYS B 90 26.27 9.64 -12.98
C LYS B 90 26.45 10.66 -11.85
N GLU B 91 25.41 11.45 -11.54
CA GLU B 91 25.62 12.26 -10.36
C GLU B 91 25.03 11.59 -9.14
N PRO B 92 25.58 11.86 -7.95
CA PRO B 92 25.04 11.25 -6.73
C PRO B 92 23.56 11.55 -6.56
N ALA B 93 22.76 10.48 -6.52
CA ALA B 93 21.32 10.63 -6.39
C ALA B 93 20.96 11.01 -4.96
N TRP B 94 19.72 11.47 -4.81
CA TRP B 94 19.20 11.81 -3.49
C TRP B 94 19.16 10.59 -2.58
N ARG B 95 19.60 10.77 -1.35
CA ARG B 95 19.47 9.75 -0.32
C ARG B 95 18.64 10.29 0.84
N PRO B 96 17.93 9.41 1.57
CA PRO B 96 17.15 9.89 2.71
C PRO B 96 18.02 10.65 3.69
N SER B 97 17.81 11.96 3.75
CA SER B 97 18.59 12.86 4.59
C SER B 97 18.30 12.69 6.08
N GLY B 98 17.33 11.86 6.45
CA GLY B 98 17.01 11.65 7.85
C GLY B 98 16.01 12.63 8.41
N ILE B 99 15.52 13.57 7.61
CA ILE B 99 14.52 14.53 8.05
C ILE B 99 13.21 14.17 7.35
N PRO B 100 12.26 13.55 8.06
CA PRO B 100 11.03 13.09 7.40
C PRO B 100 10.22 14.22 6.80
N GLU B 101 10.34 15.43 7.36
CA GLU B 101 9.57 16.55 6.84
C GLU B 101 10.04 16.93 5.44
N LYS B 102 11.36 16.95 5.21
CA LYS B 102 11.87 17.34 3.89
C LYS B 102 11.45 16.35 2.81
N ASP B 103 11.70 15.06 3.04
CA ASP B 103 11.35 14.06 2.05
C ASP B 103 9.85 14.02 1.84
N LEU B 104 9.08 14.17 2.92
CA LEU B 104 7.64 14.21 2.79
C LEU B 104 7.18 15.43 1.99
N HIS B 105 7.89 16.56 2.12
CA HIS B 105 7.61 17.70 1.26
C HIS B 105 7.82 17.34 -0.20
N SER B 106 8.94 16.68 -0.50
CA SER B 106 9.23 16.36 -1.89
C SER B 106 8.19 15.41 -2.49
N VAL B 107 7.71 14.45 -1.70
CA VAL B 107 6.74 13.50 -2.26
C VAL B 107 5.34 14.11 -2.31
N MET B 108 4.95 14.90 -1.32
CA MET B 108 3.62 15.49 -1.29
C MET B 108 3.49 16.71 -2.21
N ALA B 109 4.59 17.21 -2.75
CA ALA B 109 4.55 18.43 -3.57
C ALA B 109 3.57 18.35 -4.74
N PRO B 110 3.60 17.33 -5.62
CA PRO B 110 2.78 17.41 -6.84
C PRO B 110 1.28 17.53 -6.57
N TYR B 111 0.77 16.83 -5.56
CA TYR B 111 -0.66 16.91 -5.28
C TYR B 111 -1.06 18.28 -4.74
N PHE B 112 -0.16 18.91 -3.98
CA PHE B 112 -0.42 20.28 -3.54
C PHE B 112 -0.33 21.26 -4.70
N LEU B 113 0.53 20.98 -5.69
CA LEU B 113 0.57 21.82 -6.88
C LEU B 113 -0.73 21.73 -7.67
N GLN B 114 -1.23 20.50 -7.89
CA GLN B 114 -2.50 20.39 -8.60
C GLN B 114 -3.65 21.00 -7.81
N GLN B 115 -3.58 20.92 -6.47
CA GLN B 115 -4.56 21.62 -5.65
C GLN B 115 -4.49 23.13 -5.86
N ARG B 116 -3.28 23.69 -5.81
CA ARG B 116 -3.11 25.13 -6.06
C ARG B 116 -3.68 25.54 -7.40
N ASP B 117 -3.36 24.79 -8.45
CA ASP B 117 -3.78 25.20 -9.79
C ASP B 117 -5.28 25.04 -9.97
N THR B 118 -5.87 24.01 -9.38
CA THR B 118 -7.32 23.87 -9.45
C THR B 118 -8.03 25.04 -8.76
N LEU B 119 -7.65 25.34 -7.51
CA LEU B 119 -8.25 26.48 -6.83
C LEU B 119 -8.00 27.78 -7.59
N ARG B 120 -6.80 27.94 -8.16
CA ARG B 120 -6.48 29.19 -8.83
C ARG B 120 -7.30 29.36 -10.10
N ARG B 121 -7.64 28.26 -10.78
CA ARG B 121 -8.47 28.40 -11.97
C ARG B 121 -9.94 28.57 -11.61
N HIS B 122 -10.38 28.02 -10.48
CA HIS B 122 -11.69 28.37 -9.96
C HIS B 122 -11.78 29.87 -9.69
N VAL B 123 -10.79 30.40 -8.95
CA VAL B 123 -10.74 31.84 -8.68
C VAL B 123 -10.71 32.63 -9.98
N GLN B 124 -9.98 32.13 -10.98
CA GLN B 124 -9.95 32.79 -12.28
C GLN B 124 -11.34 32.87 -12.88
N LYS B 125 -12.08 31.76 -12.86
CA LYS B 125 -13.43 31.75 -13.42
C LYS B 125 -14.33 32.74 -12.71
N GLN B 126 -14.43 32.63 -11.38
CA GLN B 126 -15.30 33.55 -10.64
C GLN B 126 -14.87 35.00 -10.82
N GLU B 127 -13.56 35.23 -11.02
CA GLU B 127 -13.07 36.59 -11.20
C GLU B 127 -13.55 37.16 -12.53
N ALA B 128 -13.43 36.38 -13.61
CA ALA B 128 -13.93 36.85 -14.91
C ALA B 128 -15.43 37.11 -14.86
N GLU B 129 -16.18 36.16 -14.29
CA GLU B 129 -17.62 36.37 -14.17
C GLU B 129 -17.93 37.62 -13.35
N ASN B 130 -17.11 37.91 -12.35
CA ASN B 130 -17.31 39.14 -11.58
C ASN B 130 -16.99 40.37 -12.40
N GLN B 131 -16.01 40.30 -13.29
CA GLN B 131 -15.74 41.44 -14.16
C GLN B 131 -16.94 41.71 -15.07
N GLN B 132 -17.52 40.66 -15.63
CA GLN B 132 -18.70 40.85 -16.47
C GLN B 132 -19.85 41.41 -15.65
N LEU B 133 -20.10 40.83 -14.48
CA LEU B 133 -21.21 41.23 -13.63
C LEU B 133 -21.08 42.68 -13.19
N ALA B 134 -19.88 43.08 -12.76
CA ALA B 134 -19.66 44.46 -12.35
C ALA B 134 -19.82 45.42 -13.53
N ASP B 135 -19.31 45.03 -14.71
CA ASP B 135 -19.54 45.87 -15.89
C ASP B 135 -21.02 46.11 -16.09
N ALA B 136 -21.84 45.06 -15.95
CA ALA B 136 -23.28 45.25 -16.00
C ALA B 136 -23.77 46.19 -14.91
N VAL B 137 -23.20 46.10 -13.71
CA VAL B 137 -23.65 46.96 -12.61
C VAL B 137 -23.36 48.43 -12.92
N LEU B 138 -22.17 48.73 -13.42
CA LEU B 138 -21.84 50.10 -13.81
C LEU B 138 -22.76 50.58 -14.93
N ALA B 139 -23.04 49.73 -15.91
CA ALA B 139 -24.02 50.08 -16.93
C ALA B 139 -25.34 50.48 -16.28
N GLY B 140 -25.82 49.69 -15.33
CA GLY B 140 -27.08 49.99 -14.68
C GLY B 140 -27.06 51.27 -13.87
N ARG B 141 -25.91 51.60 -13.26
CA ARG B 141 -25.86 52.84 -12.47
C ARG B 141 -25.77 54.07 -13.37
N ARG B 142 -25.11 53.96 -14.53
CA ARG B 142 -25.21 55.03 -15.50
C ARG B 142 -26.61 55.16 -16.07
N GLN B 143 -27.34 54.05 -16.16
CA GLN B 143 -28.74 54.13 -16.61
C GLN B 143 -29.61 54.84 -15.58
N VAL B 144 -29.45 54.53 -14.30
CA VAL B 144 -30.22 55.23 -13.28
C VAL B 144 -29.80 56.70 -13.20
N GLU B 145 -28.51 56.99 -13.44
CA GLU B 145 -28.04 58.37 -13.43
C GLU B 145 -28.69 59.17 -14.55
N GLU B 146 -28.64 58.65 -15.78
CA GLU B 146 -29.23 59.36 -16.91
C GLU B 146 -30.75 59.44 -16.80
N LEU B 147 -31.37 58.43 -16.16
CA LEU B 147 -32.81 58.49 -15.91
C LEU B 147 -33.15 59.63 -14.97
N GLN B 148 -32.44 59.73 -13.86
CA GLN B 148 -32.72 60.83 -12.93
C GLN B 148 -32.38 62.17 -13.57
N LEU B 149 -31.42 62.19 -14.50
CA LEU B 149 -31.11 63.41 -15.23
C LEU B 149 -32.28 63.83 -16.12
N GLN B 150 -32.91 62.87 -16.80
CA GLN B 150 -34.08 63.21 -17.62
C GLN B 150 -35.26 63.62 -16.74
N VAL B 151 -35.44 62.94 -15.61
CA VAL B 151 -36.50 63.30 -14.67
C VAL B 151 -36.36 64.75 -14.23
N GLN B 152 -35.19 65.12 -13.72
CA GLN B 152 -35.01 66.51 -13.29
C GLN B 152 -35.08 67.46 -14.47
N ALA B 153 -34.70 67.00 -15.67
CA ALA B 153 -34.76 67.86 -16.84
C ALA B 153 -36.20 68.29 -17.12
N GLN B 154 -37.10 67.33 -17.30
CA GLN B 154 -38.50 67.68 -17.52
C GLN B 154 -39.12 68.34 -16.29
N GLN B 155 -38.60 68.04 -15.10
CA GLN B 155 -39.06 68.73 -13.90
C GLN B 155 -38.81 70.22 -14.03
N GLN B 156 -37.58 70.62 -14.34
CA GLN B 156 -37.28 72.02 -14.56
C GLN B 156 -38.07 72.57 -15.75
N ALA B 157 -38.39 71.71 -16.72
CA ALA B 157 -39.22 72.14 -17.84
C ALA B 157 -40.59 72.59 -17.35
N TRP B 158 -41.16 71.90 -16.36
CA TRP B 158 -42.41 72.39 -15.79
C TRP B 158 -42.21 73.51 -14.77
N GLN B 159 -41.01 73.65 -14.21
CA GLN B 159 -40.76 74.77 -13.31
C GLN B 159 -40.51 76.08 -14.05
N ALA B 160 -40.22 76.01 -15.36
CA ALA B 160 -39.93 77.20 -16.14
C ALA B 160 -41.14 78.10 -16.34
N LEU B 161 -42.35 77.57 -16.17
CA LEU B 161 -43.56 78.38 -16.36
C LEU B 161 -43.67 79.52 -15.36
N HIS B 162 -42.93 79.44 -14.24
CA HIS B 162 -43.08 80.42 -13.17
C HIS B 162 -42.76 81.83 -13.65
N ARG B 163 -41.70 81.98 -14.45
CA ARG B 163 -41.36 83.30 -14.97
C ARG B 163 -42.48 83.85 -15.84
N GLU B 164 -43.06 83.01 -16.70
CA GLU B 164 -44.16 83.43 -17.55
C GLU B 164 -45.34 83.89 -16.71
N GLN B 165 -45.65 83.16 -15.64
CA GLN B 165 -46.72 83.56 -14.74
C GLN B 165 -46.41 84.89 -14.05
N ARG B 166 -45.13 85.11 -13.73
CA ARG B 166 -44.77 86.35 -13.04
C ARG B 166 -44.91 87.55 -13.97
N GLU B 167 -44.58 87.37 -15.24
CA GLU B 167 -44.78 88.47 -16.19
C GLU B 167 -46.25 88.63 -16.54
N LEU B 168 -47.05 87.57 -16.41
CA LEU B 168 -48.50 87.73 -16.50
C LEU B 168 -49.03 88.60 -15.36
N VAL B 169 -48.63 88.30 -14.13
CA VAL B 169 -49.08 89.09 -12.98
C VAL B 169 -48.55 90.51 -13.07
N ALA B 170 -47.36 90.69 -13.65
CA ALA B 170 -46.82 92.03 -13.83
C ALA B 170 -47.64 92.83 -14.85
N VAL B 171 -48.08 92.17 -15.93
CA VAL B 171 -48.92 92.85 -16.92
C VAL B 171 -50.26 93.21 -16.30
N LEU B 172 -50.79 92.34 -15.44
CA LEU B 172 -52.13 92.47 -14.90
C LEU B 172 -52.17 93.33 -13.65
N ARG B 173 -51.11 94.06 -13.35
CA ARG B 173 -51.02 94.87 -12.14
C ARG B 173 -50.99 96.35 -12.52
N GLU B 174 -51.88 97.13 -11.91
CA GLU B 174 -52.00 98.55 -12.19
C GLU B 174 -50.90 99.36 -11.51
N SER C 19 39.83 1.03 15.44
CA SER C 19 39.47 1.47 16.79
C SER C 19 38.06 1.03 17.16
N LEU C 20 37.97 0.01 18.01
CA LEU C 20 36.66 -0.54 18.39
C LEU C 20 35.83 0.50 19.14
N GLU C 21 36.47 1.29 19.99
CA GLU C 21 35.74 2.28 20.80
C GLU C 21 35.03 3.30 19.92
N ALA C 22 35.73 3.85 18.91
CA ALA C 22 35.12 4.86 18.06
C ALA C 22 33.97 4.27 17.26
N SER C 23 34.13 3.05 16.77
CA SER C 23 33.08 2.41 15.98
C SER C 23 31.84 2.13 16.82
N VAL C 24 32.02 1.55 18.02
CA VAL C 24 30.86 1.30 18.87
C VAL C 24 30.23 2.63 19.30
N ALA C 25 31.03 3.69 19.37
CA ALA C 25 30.48 5.00 19.68
C ALA C 25 29.58 5.50 18.56
N GLU C 26 30.08 5.49 17.31
CA GLU C 26 29.25 5.89 16.18
C GLU C 26 27.99 5.05 16.09
N MET C 27 28.10 3.76 16.40
CA MET C 27 26.91 2.90 16.36
C MET C 27 25.91 3.28 17.44
N LYS C 28 26.41 3.57 18.64
CA LYS C 28 25.54 3.97 19.73
C LYS C 28 25.03 5.40 19.61
N GLU C 29 25.54 6.18 18.66
CA GLU C 29 24.87 7.44 18.33
C GLU C 29 23.84 7.22 17.24
N TYR C 30 24.15 6.37 16.26
CA TYR C 30 23.19 6.07 15.20
C TYR C 30 21.93 5.45 15.76
N ILE C 31 22.06 4.58 16.77
CA ILE C 31 20.87 3.94 17.34
C ILE C 31 19.87 5.00 17.82
N THR C 32 20.37 6.06 18.46
CA THR C 32 19.48 7.09 18.99
C THR C 32 18.99 8.02 17.88
N LYS C 33 19.85 8.34 16.91
CA LYS C 33 19.40 9.14 15.76
C LYS C 33 18.25 8.46 15.03
N PHE C 34 18.45 7.20 14.65
CA PHE C 34 17.39 6.46 13.97
C PHE C 34 16.18 6.24 14.87
N SER C 35 16.39 6.20 16.19
CA SER C 35 15.26 6.17 17.11
C SER C 35 14.40 7.43 16.96
N LEU C 36 15.04 8.60 17.01
CA LEU C 36 14.30 9.85 16.87
C LEU C 36 13.63 9.94 15.51
N GLU C 37 14.28 9.42 14.46
CA GLU C 37 13.66 9.45 13.14
C GLU C 37 12.43 8.54 13.08
N ARG C 38 12.53 7.32 13.62
CA ARG C 38 11.37 6.44 13.67
C ARG C 38 10.22 7.09 14.42
N GLN C 39 10.50 7.67 15.59
CA GLN C 39 9.48 8.36 16.35
C GLN C 39 8.83 9.47 15.52
N THR C 40 9.65 10.26 14.83
CA THR C 40 9.11 11.34 14.01
C THR C 40 8.24 10.79 12.89
N TRP C 41 8.61 9.65 12.32
CA TRP C 41 7.80 9.05 11.25
C TRP C 41 6.45 8.60 11.79
N ASP C 42 6.44 7.92 12.93
CA ASP C 42 5.17 7.46 13.49
C ASP C 42 4.28 8.65 13.86
N GLN C 43 4.86 9.64 14.54
CA GLN C 43 4.10 10.85 14.89
C GLN C 43 3.51 11.51 13.65
N LEU C 44 4.33 11.68 12.61
CA LEU C 44 3.87 12.36 11.40
C LEU C 44 2.75 11.58 10.73
N LEU C 45 2.92 10.25 10.61
CA LEU C 45 1.92 9.43 9.93
C LEU C 45 0.59 9.45 10.67
N LEU C 46 0.61 9.24 11.99
CA LEU C 46 -0.65 9.31 12.72
C LEU C 46 -1.24 10.71 12.69
N HIS C 47 -0.39 11.74 12.60
CA HIS C 47 -0.86 13.11 12.41
C HIS C 47 -1.74 13.21 11.17
N TYR C 48 -1.17 12.89 10.00
CA TYR C 48 -1.96 12.99 8.77
C TYR C 48 -3.15 12.04 8.80
N GLN C 49 -3.04 10.93 9.55
CA GLN C 49 -4.14 10.00 9.66
C GLN C 49 -5.35 10.63 10.36
N GLN C 50 -5.14 11.14 11.57
CA GLN C 50 -6.25 11.74 12.29
C GLN C 50 -6.69 13.06 11.66
N GLU C 51 -5.81 13.74 10.94
CA GLU C 51 -6.24 14.90 10.15
C GLU C 51 -7.26 14.47 9.10
N ALA C 52 -6.93 13.43 8.33
CA ALA C 52 -7.88 12.93 7.34
C ALA C 52 -9.17 12.47 8.01
N LYS C 53 -9.07 11.79 9.17
CA LYS C 53 -10.26 11.31 9.85
C LYS C 53 -11.16 12.47 10.27
N GLU C 54 -10.58 13.52 10.85
CA GLU C 54 -11.40 14.62 11.35
C GLU C 54 -11.98 15.44 10.20
N ILE C 55 -11.22 15.63 9.11
CA ILE C 55 -11.74 16.40 8.00
C ILE C 55 -12.82 15.61 7.26
N LEU C 56 -12.72 14.28 7.25
CA LEU C 56 -13.77 13.47 6.62
C LEU C 56 -14.99 13.30 7.52
N SER C 57 -14.82 13.41 8.84
CA SER C 57 -15.94 13.37 9.75
C SER C 57 -16.54 14.75 10.00
N ARG C 58 -15.90 15.81 9.51
CA ARG C 58 -16.35 17.17 9.74
C ARG C 58 -17.46 17.59 8.77
N GLY C 59 -17.46 17.02 7.56
CA GLY C 59 -18.41 17.43 6.55
C GLY C 59 -19.83 16.94 6.79
N SER C 60 -19.99 15.80 7.44
CA SER C 60 -21.32 15.24 7.64
C SER C 60 -22.10 16.02 8.69
N THR C 61 -21.62 16.00 9.94
CA THR C 61 -22.30 16.70 11.03
C THR C 61 -22.10 18.21 10.91
N LEU C 76 -13.03 41.37 2.71
CA LEU C 76 -13.65 41.77 1.45
C LEU C 76 -12.72 42.73 0.69
N GLY C 77 -11.54 42.22 0.36
CA GLY C 77 -10.57 42.94 -0.45
C GLY C 77 -10.54 42.40 -1.86
N SER C 78 -11.69 41.92 -2.34
CA SER C 78 -11.79 41.17 -3.57
C SER C 78 -11.44 42.02 -4.79
N SER C 79 -11.38 41.36 -5.94
CA SER C 79 -11.22 42.05 -7.20
C SER C 79 -12.28 43.14 -7.33
N GLN C 80 -11.90 44.23 -7.98
CA GLN C 80 -12.77 45.40 -8.19
C GLN C 80 -13.54 45.76 -6.92
N ASN C 81 -12.77 46.05 -5.86
CA ASN C 81 -13.38 46.52 -4.63
C ASN C 81 -13.99 47.92 -4.80
N GLU C 82 -13.45 48.72 -5.73
CA GLU C 82 -14.01 50.04 -5.98
C GLU C 82 -15.46 49.94 -6.43
N VAL C 83 -15.74 49.02 -7.37
CA VAL C 83 -17.11 48.84 -7.83
C VAL C 83 -18.03 48.51 -6.66
N LEU C 84 -17.54 47.69 -5.72
CA LEU C 84 -18.34 47.33 -4.56
C LEU C 84 -18.51 48.52 -3.62
N ASN C 85 -17.46 49.33 -3.45
CA ASN C 85 -17.52 50.46 -2.55
C ASN C 85 -18.20 51.69 -3.17
N THR C 86 -18.23 51.78 -4.50
CA THR C 86 -18.98 52.83 -5.19
C THR C 86 -20.41 52.33 -5.35
N LYS C 87 -21.29 52.79 -4.47
CA LYS C 87 -22.66 52.28 -4.40
C LYS C 87 -23.58 53.45 -4.08
N PRO C 88 -24.10 54.13 -5.11
CA PRO C 88 -24.93 55.31 -4.86
C PRO C 88 -26.16 54.96 -4.05
N ASP C 89 -26.59 55.92 -3.22
CA ASP C 89 -27.73 55.72 -2.32
C ASP C 89 -29.01 55.78 -3.14
N TYR C 90 -29.68 54.63 -3.25
CA TYR C 90 -30.92 54.56 -4.03
C TYR C 90 -32.13 55.02 -3.23
N GLN C 91 -32.16 54.71 -1.93
CA GLN C 91 -33.25 55.18 -1.08
C GLN C 91 -33.41 56.69 -1.16
N LYS C 92 -32.30 57.43 -1.05
CA LYS C 92 -32.38 58.88 -1.18
C LYS C 92 -32.90 59.28 -2.56
N ILE C 93 -32.67 58.44 -3.57
CA ILE C 93 -33.21 58.73 -4.89
C ILE C 93 -34.73 58.62 -4.89
N LEU C 94 -35.27 57.54 -4.31
CA LEU C 94 -36.73 57.42 -4.26
C LEU C 94 -37.35 58.51 -3.41
N GLN C 95 -36.69 58.90 -2.32
CA GLN C 95 -37.14 60.05 -1.54
C GLN C 95 -37.17 61.31 -2.40
N ASN C 96 -36.10 61.54 -3.17
CA ASN C 96 -36.05 62.71 -4.04
C ASN C 96 -37.18 62.69 -5.07
N GLN C 97 -37.60 61.52 -5.51
CA GLN C 97 -38.80 61.45 -6.33
C GLN C 97 -40.03 61.90 -5.55
N SER C 98 -40.20 61.37 -4.33
CA SER C 98 -41.38 61.72 -3.53
C SER C 98 -41.49 63.21 -3.30
N LYS C 99 -40.36 63.92 -3.17
CA LYS C 99 -40.43 65.37 -3.03
C LYS C 99 -40.48 66.11 -4.36
N VAL C 100 -39.98 65.50 -5.43
CA VAL C 100 -40.17 66.05 -6.77
C VAL C 100 -41.66 66.21 -7.06
N PHE C 101 -42.45 65.17 -6.76
CA PHE C 101 -43.89 65.28 -7.00
C PHE C 101 -44.52 66.39 -6.17
N ASP C 102 -44.00 66.65 -4.97
CA ASP C 102 -44.53 67.74 -4.16
C ASP C 102 -44.25 69.08 -4.82
N CYS C 103 -42.98 69.31 -5.20
CA CYS C 103 -42.64 70.50 -5.96
C CYS C 103 -43.56 70.69 -7.16
N MET C 104 -43.81 69.61 -7.90
CA MET C 104 -44.72 69.69 -9.04
C MET C 104 -46.12 70.10 -8.61
N GLU C 105 -46.57 69.59 -7.45
CA GLU C 105 -47.92 69.93 -6.99
C GLU C 105 -48.04 71.43 -6.73
N LEU C 106 -47.08 72.00 -5.99
CA LEU C 106 -47.16 73.44 -5.74
C LEU C 106 -46.92 74.25 -7.02
N VAL C 107 -46.19 73.69 -7.98
CA VAL C 107 -46.11 74.31 -9.30
C VAL C 107 -47.50 74.48 -9.89
N MET C 108 -48.29 73.40 -9.90
CA MET C 108 -49.63 73.52 -10.45
C MET C 108 -50.57 74.35 -9.57
N ASP C 109 -50.27 74.47 -8.27
CA ASP C 109 -51.04 75.38 -7.44
C ASP C 109 -50.82 76.83 -7.87
N GLU C 110 -49.55 77.22 -8.04
CA GLU C 110 -49.25 78.56 -8.52
C GLU C 110 -49.87 78.80 -9.90
N LEU C 111 -49.81 77.80 -10.77
CA LEU C 111 -50.42 77.93 -12.09
C LEU C 111 -51.93 78.17 -11.96
N GLN C 112 -52.60 77.32 -11.18
CA GLN C 112 -54.04 77.42 -10.98
C GLN C 112 -54.44 78.69 -10.24
N GLY C 113 -53.50 79.39 -9.62
CA GLY C 113 -53.79 80.72 -9.11
C GLY C 113 -53.66 81.76 -10.20
N SER C 114 -52.59 81.68 -10.99
CA SER C 114 -52.39 82.63 -12.06
C SER C 114 -53.54 82.61 -13.06
N VAL C 115 -54.13 81.43 -13.31
CA VAL C 115 -55.27 81.37 -14.23
C VAL C 115 -56.44 82.19 -13.68
N LYS C 116 -56.75 82.04 -12.38
CA LYS C 116 -57.85 82.79 -11.80
C LYS C 116 -57.58 84.28 -11.88
N GLN C 117 -56.37 84.69 -11.54
CA GLN C 117 -55.98 86.09 -11.70
C GLN C 117 -56.19 86.56 -13.13
N LEU C 118 -56.04 85.67 -14.12
CA LEU C 118 -56.26 86.11 -15.50
C LEU C 118 -57.75 86.26 -15.84
N GLN C 119 -58.54 85.17 -15.76
CA GLN C 119 -59.87 85.34 -16.33
C GLN C 119 -60.79 86.14 -15.41
N ALA C 120 -60.37 86.42 -14.17
CA ALA C 120 -61.04 87.49 -13.44
C ALA C 120 -60.94 88.80 -14.21
N PHE C 121 -59.73 89.13 -14.68
CA PHE C 121 -59.53 90.30 -15.52
C PHE C 121 -60.31 90.17 -16.82
N MET C 122 -60.39 88.97 -17.38
CA MET C 122 -61.17 88.78 -18.60
C MET C 122 -62.64 89.06 -18.36
N ASP C 123 -63.17 88.60 -17.22
CA ASP C 123 -64.57 88.81 -16.91
C ASP C 123 -64.89 90.29 -16.70
N GLU C 124 -64.06 91.00 -15.91
CA GLU C 124 -64.32 92.42 -15.75
C GLU C 124 -64.14 93.18 -17.06
N SER C 125 -63.25 92.69 -17.94
CA SER C 125 -63.04 93.37 -19.21
C SER C 125 -64.23 93.20 -20.13
N THR C 126 -64.75 91.97 -20.24
CA THR C 126 -65.92 91.75 -21.09
C THR C 126 -67.15 92.43 -20.50
N GLN C 127 -67.24 92.53 -19.17
CA GLN C 127 -68.38 93.18 -18.55
C GLN C 127 -68.37 94.69 -18.83
N CYS C 128 -67.23 95.35 -18.58
CA CYS C 128 -67.17 96.78 -18.87
C CYS C 128 -67.18 97.07 -20.36
N PHE C 129 -66.83 96.11 -21.20
CA PHE C 129 -66.94 96.32 -22.64
C PHE C 129 -68.34 96.08 -23.18
N GLN C 130 -69.17 95.31 -22.47
CA GLN C 130 -70.59 95.31 -22.78
C GLN C 130 -71.33 96.45 -22.09
N LYS C 131 -70.70 97.11 -21.12
CA LYS C 131 -71.28 98.28 -20.46
C LYS C 131 -71.28 99.52 -21.35
N VAL C 132 -70.85 99.40 -22.61
CA VAL C 132 -70.72 100.56 -23.50
C VAL C 132 -72.05 101.07 -24.04
N SER C 133 -73.15 100.35 -23.81
CA SER C 133 -74.45 100.80 -24.30
C SER C 133 -75.01 101.92 -23.43
N MET D 14 32.67 -6.57 26.02
CA MET D 14 32.12 -6.62 24.68
C MET D 14 31.56 -8.01 24.35
N ASP D 15 31.90 -8.49 23.15
CA ASP D 15 31.47 -9.79 22.64
C ASP D 15 29.95 -9.93 22.65
N SER D 16 29.39 -10.56 23.69
CA SER D 16 27.94 -10.72 23.79
C SER D 16 27.22 -9.37 23.80
N ASP D 17 27.82 -8.36 24.44
CA ASP D 17 27.21 -7.03 24.43
C ASP D 17 27.19 -6.45 23.03
N ILE D 18 28.26 -6.69 22.27
CA ILE D 18 28.32 -6.19 20.90
C ILE D 18 27.33 -6.94 20.02
N LYS D 19 27.05 -8.21 20.34
CA LYS D 19 26.04 -8.94 19.56
C LYS D 19 24.63 -8.45 19.86
N VAL D 20 24.34 -8.13 21.12
CA VAL D 20 23.02 -7.56 21.43
C VAL D 20 22.88 -6.18 20.81
N LEU D 21 23.92 -5.35 20.94
CA LEU D 21 23.87 -4.00 20.40
C LEU D 21 23.77 -4.00 18.88
N GLU D 22 24.53 -4.88 18.22
CA GLU D 22 24.43 -4.98 16.76
C GLU D 22 23.10 -5.58 16.34
N ASP D 23 22.51 -6.43 17.18
CA ASP D 23 21.20 -6.98 16.87
C ASP D 23 20.13 -5.89 16.86
N GLN D 24 20.03 -5.15 17.96
CA GLN D 24 19.08 -4.04 18.00
C GLN D 24 19.40 -3.01 16.92
N PHE D 25 20.68 -2.79 16.62
CA PHE D 25 21.05 -1.84 15.58
C PHE D 25 20.53 -2.28 14.22
N ASP D 26 20.72 -3.56 13.88
CA ASP D 26 20.14 -4.08 12.65
C ASP D 26 18.63 -3.90 12.64
N GLU D 27 17.98 -4.19 13.76
CA GLU D 27 16.53 -4.02 13.83
C GLU D 27 16.13 -2.58 13.52
N ILE D 28 16.84 -1.61 14.09
CA ILE D 28 16.46 -0.22 13.85
C ILE D 28 16.82 0.22 12.43
N ILE D 29 17.85 -0.38 11.82
CA ILE D 29 18.18 -0.02 10.45
C ILE D 29 17.09 -0.50 9.51
N VAL D 30 16.71 -1.78 9.60
CA VAL D 30 15.67 -2.28 8.72
C VAL D 30 14.33 -1.61 9.05
N ASP D 31 14.13 -1.20 10.31
CA ASP D 31 12.87 -0.55 10.67
C ASP D 31 12.79 0.84 10.07
N ILE D 32 13.83 1.66 10.24
CA ILE D 32 13.81 3.00 9.70
C ILE D 32 13.81 2.96 8.18
N ALA D 33 14.40 1.92 7.58
CA ALA D 33 14.31 1.75 6.14
C ALA D 33 12.89 1.42 5.69
N THR D 34 12.21 0.55 6.46
CA THR D 34 10.81 0.27 6.17
C THR D 34 9.96 1.53 6.26
N LYS D 35 10.18 2.33 7.29
CA LYS D 35 9.50 3.62 7.40
C LYS D 35 9.77 4.48 6.17
N ARG D 36 11.05 4.74 5.89
CA ARG D 36 11.43 5.56 4.74
C ARG D 36 10.75 5.10 3.46
N LYS D 37 10.57 3.79 3.30
CA LYS D 37 9.95 3.30 2.07
C LYS D 37 8.43 3.47 2.11
N GLN D 38 7.76 2.75 3.02
CA GLN D 38 6.32 2.55 2.91
C GLN D 38 5.50 3.58 3.67
N TYR D 39 6.12 4.44 4.49
CA TYR D 39 5.34 5.48 5.17
C TYR D 39 4.88 6.59 4.22
N PRO D 40 5.73 7.15 3.34
CA PRO D 40 5.23 8.20 2.43
C PRO D 40 4.03 7.77 1.59
N ARG D 41 3.88 6.49 1.30
CA ARG D 41 2.74 6.05 0.50
C ARG D 41 1.45 6.06 1.31
N LYS D 42 1.50 5.61 2.56
CA LYS D 42 0.30 5.63 3.41
C LYS D 42 -0.07 7.06 3.77
N ILE D 43 0.91 7.84 4.20
CA ILE D 43 0.70 9.26 4.45
C ILE D 43 0.14 9.95 3.21
N LEU D 44 0.70 9.63 2.04
CA LEU D 44 0.21 10.19 0.79
C LEU D 44 -1.27 9.85 0.58
N GLU D 45 -1.64 8.59 0.80
CA GLU D 45 -3.04 8.19 0.72
C GLU D 45 -3.92 9.05 1.62
N CYS D 46 -3.49 9.25 2.87
CA CYS D 46 -4.25 10.09 3.80
C CYS D 46 -4.39 11.51 3.29
N VAL D 47 -3.28 12.13 2.87
CA VAL D 47 -3.35 13.53 2.48
C VAL D 47 -4.15 13.70 1.20
N ILE D 48 -4.16 12.69 0.32
CA ILE D 48 -5.03 12.75 -0.85
C ILE D 48 -6.49 12.75 -0.42
N LYS D 49 -6.83 11.89 0.55
CA LYS D 49 -8.19 11.92 1.08
C LYS D 49 -8.53 13.29 1.66
N THR D 50 -7.62 13.85 2.45
CA THR D 50 -7.92 15.10 3.14
C THR D 50 -7.99 16.29 2.18
N ILE D 51 -7.24 16.22 1.07
CA ILE D 51 -7.28 17.29 0.08
C ILE D 51 -8.58 17.22 -0.70
N LYS D 52 -8.97 16.03 -1.14
CA LYS D 52 -10.27 15.88 -1.79
C LYS D 52 -11.39 16.35 -0.87
N ALA D 53 -11.29 16.01 0.42
CA ALA D 53 -12.29 16.44 1.39
C ALA D 53 -12.32 17.97 1.52
N LYS D 54 -11.16 18.62 1.59
CA LYS D 54 -11.14 20.07 1.74
C LYS D 54 -11.72 20.76 0.51
N GLN D 55 -11.23 20.43 -0.68
CA GLN D 55 -11.78 21.06 -1.87
C GLN D 55 -13.25 20.70 -2.08
N GLU D 56 -13.70 19.61 -1.48
CA GLU D 56 -15.12 19.26 -1.56
C GLU D 56 -15.97 20.13 -0.63
N ILE D 57 -15.52 20.30 0.61
CA ILE D 57 -16.26 21.14 1.55
C ILE D 57 -16.18 22.61 1.16
N LEU D 58 -15.18 22.99 0.36
CA LEU D 58 -15.13 24.36 -0.14
C LEU D 58 -16.32 24.69 -1.04
N LYS D 59 -16.63 23.81 -1.98
CA LYS D 59 -17.73 24.05 -2.91
C LYS D 59 -19.08 24.06 -2.22
N GLN D 60 -19.21 23.45 -1.03
CA GLN D 60 -20.46 23.52 -0.31
C GLN D 60 -20.78 24.92 0.19
N TYR D 61 -19.78 25.80 0.24
CA TYR D 61 -19.98 27.19 0.60
C TYR D 61 -20.49 28.05 -0.56
N HIS D 62 -20.53 27.50 -1.78
CA HIS D 62 -21.01 28.23 -2.95
C HIS D 62 -22.32 28.97 -2.71
N PRO D 63 -23.43 28.36 -1.93
CA PRO D 63 -24.58 29.21 -1.52
C PRO D 63 -24.24 30.13 -0.35
N VAL D 64 -23.61 31.26 -0.68
CA VAL D 64 -23.36 32.29 0.33
C VAL D 64 -24.65 33.02 0.67
N VAL D 65 -25.40 33.40 -0.37
CA VAL D 65 -26.74 34.01 -0.30
C VAL D 65 -26.84 35.05 0.81
N HIS D 66 -26.36 36.22 0.54
CA HIS D 66 -26.73 37.27 1.46
C HIS D 66 -27.94 38.03 0.92
N PRO D 67 -28.93 38.37 1.75
CA PRO D 67 -30.15 38.96 1.19
C PRO D 67 -29.92 40.34 0.59
N LEU D 68 -29.28 41.23 1.35
CA LEU D 68 -29.12 42.65 0.98
C LEU D 68 -30.52 43.25 0.89
N ASP D 69 -30.95 43.73 -0.27
CA ASP D 69 -32.32 44.24 -0.54
C ASP D 69 -32.59 45.48 0.29
N LEU D 70 -33.70 45.52 1.04
CA LEU D 70 -34.30 46.71 1.64
C LEU D 70 -34.68 47.67 0.51
N LYS D 71 -35.61 48.57 0.76
CA LYS D 71 -35.98 49.56 -0.25
C LYS D 71 -36.88 50.58 0.42
N TYR D 72 -37.02 51.73 -0.22
CA TYR D 72 -37.95 52.74 0.27
C TYR D 72 -39.36 52.49 -0.25
N ASP D 73 -39.55 51.44 -1.07
CA ASP D 73 -40.83 50.96 -1.59
C ASP D 73 -41.51 52.02 -2.45
N PRO D 74 -42.60 51.68 -3.13
CA PRO D 74 -43.35 52.74 -3.82
C PRO D 74 -44.51 53.29 -2.99
N ASP D 75 -44.71 54.60 -3.14
CA ASP D 75 -45.91 55.29 -2.69
C ASP D 75 -46.63 55.59 -4.00
N PRO D 76 -47.52 54.69 -4.45
CA PRO D 76 -47.97 54.69 -5.86
C PRO D 76 -48.72 55.93 -6.34
N ALA D 77 -49.71 55.70 -7.19
CA ALA D 77 -50.39 56.78 -7.90
C ALA D 77 -51.86 56.89 -7.52
N PRO D 78 -52.19 57.14 -6.24
CA PRO D 78 -53.56 57.54 -5.92
C PRO D 78 -53.76 59.01 -6.22
N HIS D 79 -52.76 59.81 -5.85
CA HIS D 79 -52.80 61.25 -6.05
C HIS D 79 -52.19 61.67 -7.37
N MET D 80 -51.38 60.81 -8.01
CA MET D 80 -50.77 61.16 -9.29
C MET D 80 -51.84 61.50 -10.32
N GLU D 81 -52.86 60.65 -10.41
CA GLU D 81 -53.98 60.94 -11.31
C GLU D 81 -54.79 62.13 -10.85
N ASN D 82 -54.72 62.50 -9.57
CA ASN D 82 -55.44 63.68 -9.10
C ASN D 82 -54.79 64.97 -9.59
N LEU D 83 -53.46 65.08 -9.51
CA LEU D 83 -52.83 66.27 -10.08
C LEU D 83 -52.82 66.22 -11.60
N LYS D 84 -52.83 65.03 -12.22
CA LYS D 84 -52.97 65.06 -13.67
C LYS D 84 -54.38 65.45 -14.08
N CYS D 85 -55.37 65.18 -13.23
CA CYS D 85 -56.74 65.60 -13.53
C CYS D 85 -56.90 67.10 -13.37
N ARG D 86 -56.36 67.66 -12.28
CA ARG D 86 -56.33 69.13 -12.19
C ARG D 86 -55.50 69.72 -13.31
N GLY D 87 -54.52 68.97 -13.81
CA GLY D 87 -53.81 69.39 -15.01
C GLY D 87 -54.71 69.45 -16.23
N GLU D 88 -55.65 68.50 -16.34
CA GLU D 88 -56.63 68.60 -17.42
C GLU D 88 -57.49 69.84 -17.24
N THR D 89 -57.89 70.14 -15.99
CA THR D 89 -58.73 71.30 -15.75
C THR D 89 -58.04 72.59 -16.15
N VAL D 90 -56.81 72.81 -15.66
CA VAL D 90 -56.10 74.04 -16.01
C VAL D 90 -55.77 74.07 -17.49
N ALA D 91 -55.51 72.91 -18.10
CA ALA D 91 -55.20 72.87 -19.52
C ALA D 91 -56.39 73.37 -20.35
N LYS D 92 -57.57 72.78 -20.14
CA LYS D 92 -58.74 73.23 -20.87
C LYS D 92 -59.09 74.67 -20.53
N GLU D 93 -58.86 75.09 -19.29
CA GLU D 93 -59.19 76.45 -18.89
C GLU D 93 -58.35 77.47 -19.65
N ILE D 94 -57.03 77.26 -19.69
CA ILE D 94 -56.19 78.21 -20.42
C ILE D 94 -56.37 78.07 -21.93
N SER D 95 -56.81 76.90 -22.40
CA SER D 95 -57.13 76.78 -23.82
C SER D 95 -58.30 77.67 -24.19
N GLU D 96 -59.44 77.48 -23.51
CA GLU D 96 -60.61 78.29 -23.82
C GLU D 96 -60.40 79.76 -23.48
N ALA D 97 -59.53 80.06 -22.52
CA ALA D 97 -59.18 81.45 -22.26
C ALA D 97 -58.41 82.04 -23.44
N MET D 98 -57.45 81.29 -23.97
CA MET D 98 -56.73 81.75 -25.16
C MET D 98 -57.65 81.89 -26.35
N LYS D 99 -58.74 81.13 -26.38
CA LYS D 99 -59.68 81.25 -27.50
C LYS D 99 -60.65 82.42 -27.30
N SER D 100 -61.01 82.75 -26.06
CA SER D 100 -62.02 83.76 -25.82
C SER D 100 -61.45 85.16 -25.61
N LEU D 101 -60.16 85.29 -25.30
CA LEU D 101 -59.61 86.62 -25.07
C LEU D 101 -59.47 87.44 -26.35
N PRO D 102 -58.90 86.92 -27.44
CA PRO D 102 -58.82 87.74 -28.67
C PRO D 102 -60.16 88.19 -29.22
N ALA D 103 -61.25 87.46 -28.94
CA ALA D 103 -62.57 87.96 -29.28
C ALA D 103 -62.86 89.26 -28.53
N LEU D 104 -62.46 89.31 -27.26
CA LEU D 104 -62.54 90.55 -26.50
C LEU D 104 -61.58 91.60 -27.04
N ILE D 105 -60.50 91.19 -27.69
CA ILE D 105 -59.66 92.18 -28.39
C ILE D 105 -60.41 92.75 -29.59
N GLU D 106 -61.20 91.92 -30.29
CA GLU D 106 -61.97 92.44 -31.41
C GLU D 106 -63.07 93.39 -30.93
N GLN D 107 -63.77 93.03 -29.84
CA GLN D 107 -64.68 93.99 -29.22
C GLN D 107 -63.93 95.24 -28.77
N GLY D 108 -62.66 95.12 -28.41
CA GLY D 108 -61.88 96.25 -27.98
C GLY D 108 -61.59 97.23 -29.09
N GLU D 109 -61.00 96.76 -30.18
CA GLU D 109 -60.66 97.66 -31.29
C GLU D 109 -61.85 97.94 -32.20
N GLY D 110 -63.00 97.33 -31.94
CA GLY D 110 -64.22 97.75 -32.60
C GLY D 110 -64.76 99.06 -32.06
N PHE D 111 -64.44 99.38 -30.81
CA PHE D 111 -64.89 100.60 -30.15
C PHE D 111 -63.87 101.72 -30.23
N SER D 112 -62.71 101.46 -30.84
CA SER D 112 -61.60 102.42 -30.84
C SER D 112 -61.69 103.45 -31.95
N GLN D 113 -62.66 103.33 -32.87
CA GLN D 113 -62.81 104.28 -33.96
C GLN D 113 -64.09 105.10 -33.78
N VAL D 114 -65.26 104.48 -33.90
CA VAL D 114 -66.51 105.18 -33.75
C VAL D 114 -67.38 104.46 -32.73
N LEU E 11 33.18 -31.32 18.26
CA LEU E 11 34.32 -30.62 18.85
C LEU E 11 34.04 -29.13 19.03
N ASP E 12 33.35 -28.53 18.06
CA ASP E 12 33.09 -27.10 18.04
C ASP E 12 34.34 -26.29 18.36
N HIS E 13 34.32 -25.54 19.46
CA HIS E 13 35.38 -24.58 19.81
C HIS E 13 35.60 -23.56 18.69
N LEU E 14 34.55 -23.28 17.93
CA LEU E 14 34.60 -22.44 16.75
C LEU E 14 34.37 -20.98 17.13
N LYS E 15 34.91 -20.08 16.31
CA LYS E 15 34.80 -18.65 16.57
C LYS E 15 33.35 -18.22 16.44
N ASN E 16 32.81 -17.62 17.49
CA ASN E 16 31.46 -17.09 17.49
C ASN E 16 31.52 -15.57 17.62
N GLY E 17 30.71 -14.89 16.81
CA GLY E 17 30.74 -13.44 16.75
C GLY E 17 30.64 -12.95 15.32
N TYR E 18 31.78 -12.66 14.70
CA TYR E 18 31.84 -12.00 13.40
C TYR E 18 30.99 -10.73 13.41
N ARG E 19 31.53 -9.68 14.03
CA ARG E 19 30.83 -8.41 14.09
C ARG E 19 30.57 -7.88 12.69
N ARG E 20 29.37 -7.32 12.51
CA ARG E 20 28.89 -7.01 11.17
C ARG E 20 29.52 -5.74 10.61
N ARG E 21 29.54 -4.66 11.40
CA ARG E 21 29.96 -3.34 10.91
C ARG E 21 31.02 -2.76 11.85
N PHE E 22 32.28 -3.12 11.64
CA PHE E 22 33.39 -2.59 12.41
C PHE E 22 34.64 -2.52 11.54
N CYS E 23 35.63 -1.80 12.04
CA CYS E 23 36.88 -1.58 11.32
C CYS E 23 37.62 -2.89 11.02
N SER F 2 -28.58 -6.27 -19.15
CA SER F 2 -28.74 -4.83 -18.95
C SER F 2 -28.04 -4.39 -17.67
N VAL F 3 -28.22 -3.11 -17.31
CA VAL F 3 -27.74 -2.50 -16.07
C VAL F 3 -26.28 -2.87 -15.82
N ASP F 4 -25.37 -2.34 -16.63
CA ASP F 4 -23.96 -2.64 -16.47
C ASP F 4 -23.32 -1.72 -15.43
N PRO F 5 -22.92 -2.25 -14.27
CA PRO F 5 -22.29 -1.41 -13.25
C PRO F 5 -20.88 -0.99 -13.60
N MET F 6 -20.27 -1.59 -14.62
CA MET F 6 -18.88 -1.34 -14.98
C MET F 6 -17.99 -1.40 -13.75
N THR F 7 -18.12 -2.52 -13.02
CA THR F 7 -17.35 -2.73 -11.80
C THR F 7 -15.86 -2.76 -12.06
N TYR F 8 -15.45 -3.37 -13.17
CA TYR F 8 -14.03 -3.42 -13.49
C TYR F 8 -13.54 -2.11 -14.09
N GLU F 9 -14.46 -1.27 -14.57
CA GLU F 9 -14.08 0.06 -15.03
C GLU F 9 -13.77 0.99 -13.87
N ALA F 10 -14.48 0.85 -12.76
CA ALA F 10 -13.97 1.36 -11.51
C ALA F 10 -12.76 0.52 -11.09
N GLN F 11 -12.22 0.80 -9.91
CA GLN F 11 -11.02 0.13 -9.40
C GLN F 11 -9.80 0.57 -10.22
N PHE F 12 -10.00 0.97 -11.47
CA PHE F 12 -8.97 1.63 -12.25
C PHE F 12 -9.15 3.15 -12.24
N PHE F 13 -10.28 3.64 -12.74
CA PHE F 13 -10.57 5.06 -12.67
C PHE F 13 -10.88 5.48 -11.24
N GLY F 14 -11.79 4.77 -10.59
CA GLY F 14 -12.22 5.12 -9.26
C GLY F 14 -13.46 5.97 -9.17
N PHE F 15 -14.19 6.17 -10.27
CA PHE F 15 -15.44 6.91 -10.21
C PHE F 15 -16.61 6.27 -10.96
N THR F 16 -16.35 5.35 -11.90
CA THR F 16 -17.32 4.73 -12.81
C THR F 16 -17.75 5.75 -13.86
N PRO F 17 -17.91 5.33 -15.10
CA PRO F 17 -18.15 6.30 -16.18
C PRO F 17 -19.54 6.93 -16.14
N GLN F 18 -20.56 6.20 -15.67
CA GLN F 18 -21.91 6.75 -15.67
C GLN F 18 -22.00 8.02 -14.84
N THR F 19 -21.44 8.00 -13.63
CA THR F 19 -21.42 9.20 -12.80
C THR F 19 -20.67 10.33 -13.50
N CYS F 20 -19.55 9.99 -14.14
CA CYS F 20 -18.78 11.01 -14.86
C CYS F 20 -19.60 11.65 -15.97
N MET F 21 -20.33 10.83 -16.72
CA MET F 21 -21.18 11.36 -17.79
C MET F 21 -22.32 12.19 -17.24
N LEU F 22 -22.84 11.84 -16.06
CA LEU F 22 -23.84 12.70 -15.43
C LEU F 22 -23.25 14.05 -15.09
N ARG F 23 -22.03 14.07 -14.54
CA ARG F 23 -21.38 15.34 -14.22
C ARG F 23 -21.18 16.18 -15.47
N ILE F 24 -20.57 15.59 -16.51
CA ILE F 24 -20.37 16.31 -17.76
C ILE F 24 -21.70 16.80 -18.31
N TYR F 25 -22.76 16.00 -18.16
CA TYR F 25 -24.08 16.41 -18.64
C TYR F 25 -24.54 17.67 -17.93
N ILE F 26 -24.56 17.66 -16.59
CA ILE F 26 -25.08 18.81 -15.88
C ILE F 26 -24.24 20.05 -16.16
N ALA F 27 -22.93 19.89 -16.35
CA ALA F 27 -22.10 21.04 -16.71
C ALA F 27 -22.48 21.59 -18.08
N PHE F 28 -22.54 20.71 -19.09
CA PHE F 28 -22.90 21.15 -20.44
C PHE F 28 -24.25 21.85 -20.46
N GLN F 29 -25.25 21.23 -19.84
CA GLN F 29 -26.58 21.82 -19.74
C GLN F 29 -26.51 23.20 -19.10
N ASP F 30 -25.79 23.31 -17.98
CA ASP F 30 -25.66 24.60 -17.31
C ASP F 30 -25.06 25.65 -18.25
N TYR F 31 -24.05 25.27 -19.04
CA TYR F 31 -23.45 26.26 -19.92
C TYR F 31 -24.40 26.68 -21.03
N LEU F 32 -25.15 25.73 -21.60
CA LEU F 32 -26.14 26.08 -22.61
C LEU F 32 -27.15 27.09 -22.07
N PHE F 33 -27.73 26.80 -20.90
CA PHE F 33 -28.67 27.77 -20.30
C PHE F 33 -27.97 29.08 -19.95
N GLU F 34 -26.68 29.04 -19.65
CA GLU F 34 -25.94 30.28 -19.41
C GLU F 34 -25.94 31.15 -20.65
N VAL F 35 -25.54 30.58 -21.80
CA VAL F 35 -25.46 31.40 -23.00
C VAL F 35 -26.84 31.83 -23.47
N MET F 36 -27.88 31.02 -23.21
CA MET F 36 -29.23 31.46 -23.57
C MET F 36 -29.69 32.63 -22.71
N GLN F 37 -29.42 32.58 -21.40
CA GLN F 37 -29.65 33.75 -20.57
C GLN F 37 -28.86 34.94 -21.09
N ALA F 38 -27.63 34.71 -21.55
CA ALA F 38 -26.81 35.79 -22.08
C ALA F 38 -27.46 36.45 -23.28
N VAL F 39 -27.91 35.66 -24.26
CA VAL F 39 -28.49 36.24 -25.46
C VAL F 39 -29.81 36.94 -25.15
N GLU F 40 -30.62 36.36 -24.25
CA GLU F 40 -31.88 37.04 -23.91
C GLU F 40 -31.61 38.35 -23.21
N GLN F 41 -30.73 38.36 -22.20
CA GLN F 41 -30.44 39.59 -21.48
C GLN F 41 -29.63 40.58 -22.29
N VAL F 42 -29.05 40.16 -23.42
CA VAL F 42 -28.41 41.11 -24.33
C VAL F 42 -29.45 41.72 -25.27
N ILE F 43 -30.44 40.93 -25.69
CA ILE F 43 -31.47 41.47 -26.57
C ILE F 43 -32.43 42.39 -25.80
N LEU F 44 -32.65 42.11 -24.51
CA LEU F 44 -33.57 42.94 -23.74
C LEU F 44 -33.02 44.35 -23.54
N LYS F 45 -31.72 44.48 -23.28
CA LYS F 45 -31.14 45.80 -23.04
C LYS F 45 -31.04 46.61 -24.32
N LYS F 46 -30.65 45.97 -25.43
CA LYS F 46 -30.64 46.67 -26.71
C LYS F 46 -32.04 46.95 -27.24
N LEU F 47 -33.07 46.40 -26.60
CA LEU F 47 -34.45 46.74 -26.89
C LEU F 47 -34.98 47.90 -26.06
N ASP F 48 -34.35 48.21 -24.92
CA ASP F 48 -34.83 49.34 -24.13
C ASP F 48 -34.64 50.65 -24.86
N GLY F 49 -33.66 50.73 -25.77
CA GLY F 49 -33.42 51.96 -26.50
C GLY F 49 -34.12 52.08 -27.85
N ILE F 50 -35.29 51.48 -28.01
CA ILE F 50 -36.07 51.61 -29.24
C ILE F 50 -37.34 52.39 -28.90
N PRO F 51 -37.64 53.42 -29.66
CA PRO F 51 -38.98 54.02 -29.60
C PRO F 51 -39.87 53.42 -30.66
N ASP F 52 -41.01 54.03 -30.94
CA ASP F 52 -41.95 53.56 -31.97
C ASP F 52 -42.47 52.17 -31.58
N CYS F 53 -43.27 52.16 -30.50
CA CYS F 53 -43.93 50.96 -29.98
C CYS F 53 -42.97 50.05 -29.22
N ASP F 54 -43.50 49.01 -28.59
CA ASP F 54 -42.75 48.05 -27.79
C ASP F 54 -42.89 46.67 -28.40
N ILE F 55 -41.78 45.95 -28.50
CA ILE F 55 -41.77 44.63 -29.14
C ILE F 55 -41.14 43.61 -28.19
N SER F 56 -41.75 43.43 -27.02
CA SER F 56 -41.15 42.71 -25.90
C SER F 56 -42.16 42.72 -24.73
N PRO F 57 -41.78 42.19 -23.55
CA PRO F 57 -40.67 41.32 -23.13
C PRO F 57 -41.10 39.95 -22.66
N VAL F 58 -42.33 39.85 -22.14
CA VAL F 58 -42.85 38.57 -21.67
C VAL F 58 -42.93 37.58 -22.82
N GLN F 59 -43.07 38.07 -24.06
CA GLN F 59 -43.12 37.21 -25.22
C GLN F 59 -41.75 36.89 -25.78
N ILE F 60 -40.78 37.81 -25.64
CA ILE F 60 -39.41 37.48 -26.04
C ILE F 60 -38.87 36.37 -25.16
N ARG F 61 -39.34 36.29 -23.90
CA ARG F 61 -38.99 35.17 -23.04
C ARG F 61 -39.49 33.86 -23.62
N LYS F 62 -40.75 33.82 -24.05
CA LYS F 62 -41.28 32.61 -24.64
C LYS F 62 -40.62 32.30 -25.98
N CYS F 63 -40.08 33.31 -26.65
CA CYS F 63 -39.25 33.09 -27.84
C CYS F 63 -37.99 32.32 -27.46
N THR F 64 -37.24 32.81 -26.45
CA THR F 64 -36.09 32.07 -25.94
C THR F 64 -36.48 30.67 -25.52
N GLU F 65 -37.68 30.51 -24.95
CA GLU F 65 -38.14 29.19 -24.55
C GLU F 65 -38.36 28.29 -25.76
N LYS F 66 -38.82 28.85 -26.87
CA LYS F 66 -38.98 28.06 -28.10
C LYS F 66 -37.63 27.56 -28.59
N PHE F 67 -36.70 28.50 -28.84
CA PHE F 67 -35.38 28.12 -29.31
C PHE F 67 -34.69 27.18 -28.33
N LEU F 68 -35.00 27.33 -27.03
CA LEU F 68 -34.38 26.51 -26.00
C LEU F 68 -34.94 25.10 -25.97
N CYS F 69 -36.24 24.93 -26.23
CA CYS F 69 -36.79 23.58 -26.30
C CYS F 69 -36.23 22.84 -27.51
N PHE F 70 -36.13 23.52 -28.65
CA PHE F 70 -35.44 22.92 -29.79
C PHE F 70 -34.02 22.51 -29.41
N MET F 71 -33.28 23.45 -28.81
CA MET F 71 -31.90 23.20 -28.39
C MET F 71 -31.79 22.05 -27.42
N LYS F 72 -32.80 21.83 -26.57
CA LYS F 72 -32.75 20.72 -25.63
C LYS F 72 -33.07 19.39 -26.30
N GLY F 73 -33.95 19.40 -27.29
CA GLY F 73 -34.17 18.19 -28.05
C GLY F 73 -32.87 17.71 -28.67
N HIS F 74 -32.29 18.53 -29.54
CA HIS F 74 -31.10 18.07 -30.26
C HIS F 74 -29.91 17.90 -29.31
N PHE F 75 -29.77 18.79 -28.33
CA PHE F 75 -28.68 18.65 -27.37
C PHE F 75 -28.79 17.32 -26.64
N ASP F 76 -30.00 16.97 -26.19
CA ASP F 76 -30.17 15.76 -25.39
C ASP F 76 -29.88 14.52 -26.22
N ASN F 77 -30.45 14.44 -27.44
CA ASN F 77 -30.19 13.30 -28.30
C ASN F 77 -28.70 13.14 -28.59
N LEU F 78 -28.06 14.23 -29.04
CA LEU F 78 -26.65 14.17 -29.38
C LEU F 78 -25.78 13.82 -28.16
N PHE F 79 -26.19 14.26 -26.97
CA PHE F 79 -25.40 13.91 -25.80
C PHE F 79 -25.56 12.43 -25.44
N SER F 80 -26.75 11.86 -25.66
CA SER F 80 -26.89 10.41 -25.48
C SER F 80 -25.94 9.66 -26.40
N LYS F 81 -25.94 9.99 -27.70
CA LYS F 81 -25.06 9.28 -28.62
C LYS F 81 -23.59 9.46 -28.24
N MET F 82 -23.19 10.71 -27.95
CA MET F 82 -21.81 10.94 -27.56
C MET F 82 -21.46 10.18 -26.28
N GLU F 83 -22.43 9.96 -25.40
CA GLU F 83 -22.17 9.25 -24.16
C GLU F 83 -22.00 7.76 -24.41
N GLN F 84 -22.74 7.20 -25.38
CA GLN F 84 -22.54 5.79 -25.70
C GLN F 84 -21.18 5.56 -26.37
N LEU F 85 -20.77 6.46 -27.26
CA LEU F 85 -19.40 6.39 -27.78
C LEU F 85 -18.39 6.56 -26.66
N PHE F 86 -18.70 7.42 -25.69
CA PHE F 86 -17.84 7.65 -24.54
C PHE F 86 -17.58 6.37 -23.76
N LEU F 87 -18.65 5.62 -23.45
CA LEU F 87 -18.49 4.38 -22.71
C LEU F 87 -17.96 3.24 -23.57
N GLN F 88 -18.07 3.35 -24.89
CA GLN F 88 -17.55 2.31 -25.76
C GLN F 88 -16.03 2.43 -25.92
N LEU F 89 -15.55 3.55 -26.45
CA LEU F 89 -14.13 3.65 -26.82
C LEU F 89 -13.27 4.34 -25.76
N ILE F 90 -13.89 4.90 -24.72
CA ILE F 90 -13.18 5.45 -23.57
C ILE F 90 -13.84 4.86 -22.34
N LEU F 91 -13.17 4.99 -21.19
CA LEU F 91 -13.75 4.61 -19.90
C LEU F 91 -14.23 3.17 -19.89
N ARG F 92 -13.59 2.31 -20.66
CA ARG F 92 -13.94 0.89 -20.72
C ARG F 92 -12.68 0.05 -20.75
N ILE F 93 -12.63 -0.98 -19.91
CA ILE F 93 -11.58 -1.98 -19.97
C ILE F 93 -12.00 -3.00 -21.02
N PRO F 94 -11.17 -3.25 -22.05
CA PRO F 94 -11.64 -3.99 -23.24
C PRO F 94 -12.13 -5.41 -23.00
N SER F 95 -12.03 -5.89 -21.75
CA SER F 95 -12.33 -7.26 -21.34
C SER F 95 -11.28 -8.22 -21.88
N ASN F 96 -10.57 -7.78 -22.92
CA ASN F 96 -9.36 -8.45 -23.38
C ASN F 96 -8.18 -8.09 -22.50
N ILE F 97 -8.16 -6.89 -21.97
CA ILE F 97 -7.04 -6.39 -21.19
C ILE F 97 -7.28 -6.69 -19.72
N LEU F 98 -6.20 -7.03 -19.02
CA LEU F 98 -6.20 -7.25 -17.58
C LEU F 98 -5.35 -6.18 -16.89
N LEU F 99 -5.86 -5.64 -15.79
CA LEU F 99 -5.19 -4.54 -15.13
C LEU F 99 -3.89 -5.01 -14.49
N PRO F 100 -2.87 -4.15 -14.45
CA PRO F 100 -1.62 -4.53 -13.77
C PRO F 100 -1.80 -4.75 -12.29
N GLU F 101 -2.91 -4.27 -11.72
CA GLU F 101 -3.18 -4.43 -10.29
C GLU F 101 -3.28 -5.90 -9.93
N ASP F 102 -4.01 -6.69 -10.73
CA ASP F 102 -4.22 -8.11 -10.48
C ASP F 102 -3.76 -8.92 -11.69
N LYS F 103 -2.44 -9.10 -11.81
CA LYS F 103 -1.90 -10.08 -12.75
C LYS F 103 -1.75 -11.47 -12.12
N CYS F 104 -1.47 -11.53 -10.82
CA CYS F 104 -1.40 -12.81 -10.14
C CYS F 104 -2.71 -13.57 -10.23
N LYS F 105 -3.83 -12.85 -10.33
CA LYS F 105 -5.13 -13.48 -10.56
C LYS F 105 -5.36 -13.88 -12.02
N GLU F 106 -4.40 -13.61 -12.91
CA GLU F 106 -4.61 -13.93 -14.32
C GLU F 106 -4.50 -15.43 -14.60
N THR F 107 -3.54 -16.14 -13.94
CA THR F 107 -3.53 -17.60 -13.97
C THR F 107 -4.15 -18.11 -12.68
N PRO F 108 -5.46 -18.36 -12.66
CA PRO F 108 -6.11 -18.68 -11.39
C PRO F 108 -5.65 -20.02 -10.86
N TYR F 109 -5.38 -20.06 -9.56
CA TYR F 109 -5.03 -21.29 -8.88
C TYR F 109 -6.31 -21.97 -8.44
N SER F 110 -6.56 -23.17 -8.97
CA SER F 110 -7.78 -23.91 -8.67
C SER F 110 -7.87 -24.17 -7.18
N GLU F 111 -9.06 -23.91 -6.59
CA GLU F 111 -9.20 -24.05 -5.15
C GLU F 111 -8.87 -25.45 -4.69
N GLU F 112 -9.02 -26.45 -5.57
CA GLU F 112 -8.56 -27.78 -5.23
C GLU F 112 -7.03 -27.84 -5.18
N ASP F 113 -6.36 -27.21 -6.14
CA ASP F 113 -4.90 -27.12 -6.07
C ASP F 113 -4.47 -26.31 -4.85
N PHE F 114 -5.24 -25.27 -4.50
CA PHE F 114 -4.85 -24.41 -3.38
C PHE F 114 -4.98 -25.13 -2.05
N GLN F 115 -6.14 -25.74 -1.78
CA GLN F 115 -6.29 -26.49 -0.53
C GLN F 115 -5.36 -27.70 -0.50
N HIS F 116 -5.16 -28.33 -1.67
CA HIS F 116 -4.15 -29.38 -1.79
C HIS F 116 -2.81 -28.90 -1.28
N LEU F 117 -2.41 -27.68 -1.68
CA LEU F 117 -1.11 -27.16 -1.26
C LEU F 117 -1.11 -26.72 0.20
N GLN F 118 -2.24 -26.24 0.70
CA GLN F 118 -2.33 -25.91 2.13
C GLN F 118 -2.11 -27.15 2.97
N LYS F 119 -2.86 -28.22 2.68
CA LYS F 119 -2.71 -29.47 3.42
C LYS F 119 -1.30 -30.02 3.29
N GLU F 120 -0.73 -29.97 2.08
CA GLU F 120 0.65 -30.34 1.88
C GLU F 120 1.59 -29.56 2.80
N ILE F 121 1.36 -28.26 2.96
CA ILE F 121 2.21 -27.46 3.83
C ILE F 121 2.09 -27.93 5.27
N GLU F 122 0.85 -28.11 5.74
CA GLU F 122 0.63 -28.52 7.13
C GLU F 122 1.30 -29.86 7.43
N GLN F 123 1.05 -30.86 6.57
CA GLN F 123 1.61 -32.18 6.80
C GLN F 123 3.12 -32.20 6.62
N LEU F 124 3.68 -31.30 5.81
CA LEU F 124 5.13 -31.20 5.75
C LEU F 124 5.71 -30.54 6.99
N GLN F 125 4.98 -29.61 7.60
CA GLN F 125 5.40 -29.10 8.89
C GLN F 125 5.44 -30.21 9.93
N GLU F 126 4.40 -31.06 9.94
CA GLU F 126 4.39 -32.18 10.87
C GLU F 126 5.52 -33.16 10.54
N LYS F 127 5.79 -33.37 9.26
CA LYS F 127 6.84 -34.30 8.85
C LYS F 127 8.21 -33.81 9.30
N TYR F 128 8.51 -32.54 9.08
CA TYR F 128 9.71 -31.93 9.63
C TYR F 128 9.78 -32.14 11.14
N LYS F 129 8.65 -31.94 11.82
CA LYS F 129 8.62 -32.05 13.28
C LYS F 129 8.93 -33.47 13.75
N THR F 130 8.53 -34.50 12.99
CA THR F 130 8.91 -35.86 13.39
C THR F 130 10.35 -36.17 13.00
N GLU F 131 10.78 -35.73 11.82
CA GLU F 131 12.13 -36.05 11.35
C GLU F 131 13.19 -35.49 12.29
N LEU F 132 12.96 -34.30 12.86
CA LEU F 132 13.96 -33.74 13.76
C LEU F 132 14.07 -34.56 15.04
N CYS F 133 12.94 -34.93 15.64
CA CYS F 133 13.01 -35.68 16.89
C CYS F 133 13.45 -37.11 16.67
N THR F 134 13.29 -37.66 15.46
CA THR F 134 13.88 -38.96 15.20
C THR F 134 15.36 -38.86 14.89
N LYS F 135 15.81 -37.72 14.35
CA LYS F 135 17.23 -37.42 14.36
C LYS F 135 17.78 -37.50 15.77
N GLN F 136 17.12 -36.80 16.71
CA GLN F 136 17.61 -36.81 18.09
C GLN F 136 17.48 -38.20 18.72
N ALA F 137 16.49 -38.99 18.30
CA ALA F 137 16.35 -40.34 18.83
C ALA F 137 17.46 -41.24 18.33
N LEU F 138 17.82 -41.14 17.05
CA LEU F 138 18.95 -41.90 16.53
C LEU F 138 20.24 -41.50 17.23
N LEU F 139 20.52 -40.20 17.28
CA LEU F 139 21.72 -39.72 17.95
C LEU F 139 21.76 -40.20 19.40
N ALA F 140 20.61 -40.17 20.07
CA ALA F 140 20.55 -40.63 21.45
C ALA F 140 20.79 -42.14 21.54
N GLU F 141 20.31 -42.90 20.55
CA GLU F 141 20.52 -44.35 20.60
C GLU F 141 21.98 -44.72 20.37
N LEU F 142 22.67 -44.00 19.47
CA LEU F 142 24.07 -44.35 19.27
C LEU F 142 24.94 -43.86 20.42
N GLU F 143 24.63 -42.69 20.98
CA GLU F 143 25.36 -42.23 22.15
C GLU F 143 25.14 -43.17 23.34
N GLU F 144 23.93 -43.67 23.49
CA GLU F 144 23.65 -44.74 24.47
C GLU F 144 24.37 -46.02 24.11
N GLN F 145 24.55 -46.27 22.81
CA GLN F 145 25.16 -47.49 22.32
C GLN F 145 26.65 -47.52 22.58
N LYS F 146 27.27 -46.35 22.69
CA LYS F 146 28.70 -46.27 23.02
C LYS F 146 28.99 -46.93 24.36
N ILE F 147 28.08 -46.80 25.33
CA ILE F 147 28.38 -47.31 26.67
C ILE F 147 28.39 -48.84 26.69
N VAL F 148 27.42 -49.47 26.03
CA VAL F 148 27.45 -50.94 25.97
C VAL F 148 28.59 -51.41 25.09
N GLN F 149 28.92 -50.65 24.04
CA GLN F 149 30.06 -50.98 23.20
C GLN F 149 31.34 -51.04 24.02
N ALA F 150 31.54 -50.04 24.91
CA ALA F 150 32.72 -50.03 25.75
C ALA F 150 32.63 -51.07 26.87
N LYS F 151 31.41 -51.39 27.31
CA LYS F 151 31.26 -52.34 28.41
C LYS F 151 31.57 -53.77 27.97
N LEU F 152 31.16 -54.16 26.76
CA LEU F 152 31.54 -55.47 26.25
C LEU F 152 33.05 -55.58 26.09
N LYS F 153 33.70 -54.50 25.70
CA LYS F 153 35.16 -54.48 25.65
C LYS F 153 35.78 -54.75 27.02
N GLN F 154 35.04 -54.49 28.10
CA GLN F 154 35.57 -54.75 29.44
C GLN F 154 35.65 -56.24 29.72
N THR F 155 34.61 -57.00 29.36
CA THR F 155 34.66 -58.45 29.57
C THR F 155 35.73 -59.09 28.71
N LEU F 156 35.85 -58.67 27.45
CA LEU F 156 36.95 -59.15 26.61
C LEU F 156 38.30 -58.80 27.22
N THR F 157 38.41 -57.61 27.81
CA THR F 157 39.64 -57.26 28.51
C THR F 157 39.92 -58.22 29.66
N PHE F 158 38.88 -58.62 30.40
CA PHE F 158 39.07 -59.54 31.51
C PHE F 158 39.48 -60.92 31.00
N PHE F 159 38.89 -61.37 29.89
CA PHE F 159 39.27 -62.66 29.33
C PHE F 159 40.71 -62.64 28.83
N ASP F 160 41.10 -61.56 28.17
CA ASP F 160 42.47 -61.43 27.69
C ASP F 160 43.45 -61.38 28.85
N GLU F 161 43.08 -60.70 29.93
CA GLU F 161 43.92 -60.71 31.13
C GLU F 161 43.94 -62.10 31.76
N LEU F 162 42.88 -62.88 31.59
CA LEU F 162 42.85 -64.23 32.14
C LEU F 162 43.82 -65.13 31.37
N HIS F 163 43.78 -65.06 30.04
CA HIS F 163 44.74 -65.82 29.25
C HIS F 163 46.16 -65.30 29.44
N ASN F 164 46.32 -64.00 29.77
CA ASN F 164 47.64 -63.46 30.04
C ASN F 164 48.18 -63.97 31.37
N VAL F 165 47.35 -63.95 32.41
CA VAL F 165 47.75 -64.42 33.73
C VAL F 165 47.91 -65.93 33.73
N GLY F 166 47.27 -66.62 32.79
CA GLY F 166 47.52 -68.03 32.58
C GLY F 166 48.82 -68.29 31.82
N ARG F 167 49.11 -67.47 30.81
CA ARG F 167 50.34 -67.65 30.05
C ARG F 167 51.56 -67.53 30.95
N ASP F 168 51.61 -66.48 31.74
CA ASP F 168 52.54 -66.47 32.86
C ASP F 168 52.11 -67.50 33.89
N HIS F 169 53.08 -68.03 34.62
CA HIS F 169 52.95 -69.10 35.62
C HIS F 169 52.89 -70.47 34.96
N GLY F 170 53.05 -70.57 33.63
CA GLY F 170 53.45 -71.79 32.97
C GLY F 170 52.42 -72.44 32.06
N THR F 171 51.13 -72.17 32.24
CA THR F 171 50.08 -72.84 31.46
C THR F 171 49.29 -71.81 30.66
N SER F 172 49.71 -71.56 29.42
CA SER F 172 49.05 -70.57 28.59
C SER F 172 47.72 -71.07 28.05
N ASP F 173 47.67 -72.32 27.61
CA ASP F 173 46.46 -72.96 27.14
C ASP F 173 46.14 -74.09 28.12
N PHE F 174 45.06 -73.93 28.88
CA PHE F 174 44.74 -74.94 29.88
C PHE F 174 44.41 -76.28 29.25
N ARG F 175 43.58 -76.26 28.19
CA ARG F 175 43.16 -77.51 27.56
C ARG F 175 44.35 -78.38 27.20
N GLU F 176 45.33 -77.79 26.51
CA GLU F 176 46.52 -78.55 26.14
C GLU F 176 47.17 -79.15 27.37
N SER F 177 47.41 -78.32 28.40
CA SER F 177 47.94 -78.84 29.65
C SER F 177 47.09 -80.00 30.13
N LEU F 178 45.78 -79.79 30.17
CA LEU F 178 44.89 -80.82 30.66
C LEU F 178 45.02 -82.09 29.82
N VAL F 179 45.07 -81.95 28.49
CA VAL F 179 45.07 -83.15 27.67
C VAL F 179 46.37 -83.91 27.87
N SER F 180 47.48 -83.19 28.13
CA SER F 180 48.70 -83.91 28.46
C SER F 180 48.64 -84.44 29.88
N LEU F 181 48.02 -83.67 30.78
CA LEU F 181 48.05 -84.03 32.19
C LEU F 181 47.20 -85.26 32.46
N VAL F 182 46.13 -85.47 31.68
CA VAL F 182 45.42 -86.74 31.76
C VAL F 182 46.24 -87.83 31.08
N GLN F 183 46.89 -87.49 29.96
CA GLN F 183 47.62 -88.47 29.18
C GLN F 183 48.71 -89.13 30.03
N ASN F 184 49.64 -88.32 30.51
CA ASN F 184 50.70 -88.84 31.36
C ASN F 184 50.16 -89.37 32.68
N SER F 185 48.95 -88.96 33.08
CA SER F 185 48.35 -89.59 34.26
C SER F 185 47.94 -91.02 33.96
N ARG F 186 47.35 -91.27 32.79
CA ARG F 186 46.88 -92.61 32.47
C ARG F 186 48.04 -93.60 32.42
N LYS F 187 49.14 -93.20 31.82
CA LYS F 187 50.35 -94.04 31.85
C LYS F 187 50.75 -94.34 33.29
N LEU F 188 50.78 -93.31 34.15
CA LEU F 188 51.28 -93.52 35.51
C LEU F 188 50.42 -94.52 36.25
N GLN F 189 49.10 -94.31 36.22
CA GLN F 189 48.18 -95.31 36.74
C GLN F 189 48.56 -96.69 36.22
N ASN F 190 48.72 -96.81 34.90
CA ASN F 190 48.99 -98.10 34.29
C ASN F 190 50.27 -98.71 34.88
N ILE F 191 51.33 -97.91 34.98
CA ILE F 191 52.57 -98.51 35.48
C ILE F 191 52.50 -98.74 36.99
N ARG F 192 51.68 -97.96 37.71
CA ARG F 192 51.65 -98.14 39.16
C ARG F 192 51.14 -99.53 39.53
N ASP F 193 50.13 -100.01 38.81
CA ASP F 193 49.66 -101.37 39.04
C ASP F 193 50.77 -102.37 38.73
N ASN F 194 51.53 -102.11 37.66
CA ASN F 194 52.70 -102.94 37.37
C ASN F 194 53.68 -102.92 38.54
N VAL F 195 53.79 -101.78 39.21
CA VAL F 195 54.66 -101.69 40.37
C VAL F 195 54.04 -102.43 41.56
N GLU F 196 52.71 -102.45 41.66
CA GLU F 196 52.06 -103.14 42.78
C GLU F 196 52.05 -104.66 42.61
N LYS F 197 52.12 -105.16 41.38
CA LYS F 197 52.15 -106.61 41.16
C LYS F 197 53.55 -107.18 41.11
N GLU F 198 54.55 -106.38 40.77
CA GLU F 198 55.94 -106.82 40.91
C GLU F 198 56.40 -106.77 42.37
N SER F 199 55.67 -106.06 43.22
CA SER F 199 55.89 -106.00 44.66
C SER F 199 55.46 -107.28 45.37
N LYS F 200 54.88 -108.25 44.66
CA LYS F 200 54.42 -109.48 45.28
C LYS F 200 55.12 -110.69 44.69
N THR G 2 -4.84 3.67 -32.78
CA THR G 2 -4.93 3.82 -31.33
C THR G 2 -5.55 5.17 -30.93
N ILE G 3 -5.00 6.26 -31.49
CA ILE G 3 -5.52 7.62 -31.32
C ILE G 3 -5.48 8.02 -29.85
N SER G 4 -4.72 7.28 -29.04
CA SER G 4 -4.38 7.66 -27.66
C SER G 4 -5.59 8.00 -26.81
N ARG G 5 -6.79 7.54 -27.19
CA ARG G 5 -8.00 7.69 -26.37
C ARG G 5 -8.36 9.13 -26.04
N VAL G 6 -7.37 10.00 -25.89
CA VAL G 6 -7.65 11.40 -25.57
C VAL G 6 -7.97 12.17 -26.85
N LYS G 7 -7.24 11.90 -27.94
CA LYS G 7 -7.64 12.47 -29.23
C LYS G 7 -8.99 11.93 -29.68
N LEU G 8 -9.37 10.75 -29.19
CA LEU G 8 -10.73 10.25 -29.39
C LEU G 8 -11.73 11.08 -28.60
N LEU G 9 -11.32 11.57 -27.44
CA LEU G 9 -12.20 12.36 -26.58
C LEU G 9 -12.43 13.75 -27.17
N ASP G 10 -11.33 14.41 -27.55
CA ASP G 10 -11.44 15.69 -28.23
C ASP G 10 -12.18 15.54 -29.56
N THR G 11 -11.97 14.43 -30.25
CA THR G 11 -12.70 14.17 -31.48
C THR G 11 -14.19 14.06 -31.21
N MET G 12 -14.58 13.37 -30.13
CA MET G 12 -16.00 13.16 -29.89
C MET G 12 -16.69 14.44 -29.41
N VAL G 13 -16.00 15.27 -28.63
CA VAL G 13 -16.63 16.54 -28.26
C VAL G 13 -16.66 17.48 -29.45
N ASP G 14 -15.63 17.45 -30.31
CA ASP G 14 -15.65 18.25 -31.53
C ASP G 14 -16.84 17.87 -32.40
N THR G 15 -17.04 16.58 -32.64
CA THR G 15 -18.23 16.13 -33.37
C THR G 15 -19.50 16.58 -32.66
N PHE G 16 -19.51 16.53 -31.33
CA PHE G 16 -20.70 16.94 -30.58
C PHE G 16 -21.05 18.40 -30.84
N LEU G 17 -20.04 19.28 -30.85
CA LEU G 17 -20.31 20.69 -31.13
C LEU G 17 -20.71 20.90 -32.58
N GLN G 18 -19.99 20.27 -33.51
CA GLN G 18 -20.35 20.36 -34.92
C GLN G 18 -21.82 19.99 -35.14
N LYS G 19 -22.29 18.93 -34.47
CA LYS G 19 -23.68 18.53 -34.62
C LYS G 19 -24.63 19.45 -33.88
N LEU G 20 -24.22 19.99 -32.73
CA LEU G 20 -25.09 20.95 -32.05
C LEU G 20 -25.16 22.27 -32.82
N VAL G 21 -24.02 22.75 -33.32
CA VAL G 21 -24.01 23.97 -34.13
C VAL G 21 -24.74 23.73 -35.45
N ALA G 22 -24.77 22.49 -35.93
CA ALA G 22 -25.61 22.16 -37.09
C ALA G 22 -27.07 22.46 -36.78
N ALA G 23 -27.53 22.01 -35.61
CA ALA G 23 -28.78 22.49 -35.07
C ALA G 23 -28.62 23.95 -34.63
N GLY G 24 -29.75 24.60 -34.36
CA GLY G 24 -29.68 26.01 -34.03
C GLY G 24 -28.96 26.84 -35.07
N SER G 25 -29.22 26.54 -36.35
CA SER G 25 -28.64 27.31 -37.43
C SER G 25 -29.17 28.73 -37.35
N TYR G 26 -28.45 29.65 -38.01
CA TYR G 26 -28.87 31.05 -37.97
C TYR G 26 -30.32 31.18 -38.41
N GLN G 27 -30.72 30.45 -39.45
CA GLN G 27 -32.13 30.40 -39.83
C GLN G 27 -32.99 29.84 -38.72
N ARG G 28 -32.53 28.77 -38.06
CA ARG G 28 -33.29 28.22 -36.94
C ARG G 28 -33.33 29.18 -35.76
N PHE G 29 -32.33 30.06 -35.66
CA PHE G 29 -32.33 31.06 -34.59
C PHE G 29 -33.29 32.20 -34.90
N THR G 30 -33.39 32.59 -36.18
CA THR G 30 -34.21 33.73 -36.58
C THR G 30 -35.68 33.36 -36.72
N ASP G 31 -35.98 32.21 -37.32
CA ASP G 31 -37.37 31.92 -37.67
C ASP G 31 -38.27 31.82 -36.46
N CYS G 32 -37.72 31.56 -35.27
CA CYS G 32 -38.48 31.74 -34.04
C CYS G 32 -38.31 33.14 -33.46
N TYR G 33 -37.20 33.81 -33.78
CA TYR G 33 -36.89 35.15 -33.30
C TYR G 33 -37.28 36.24 -34.28
N LYS G 34 -38.29 36.00 -35.12
CA LYS G 34 -38.64 36.98 -36.15
C LYS G 34 -38.90 38.35 -35.52
N CYS G 35 -39.68 38.37 -34.44
CA CYS G 35 -39.74 39.56 -33.61
C CYS G 35 -38.36 39.86 -33.09
N PHE G 36 -37.86 41.06 -33.40
CA PHE G 36 -36.50 41.57 -33.18
C PHE G 36 -35.61 41.27 -34.38
N TYR G 37 -35.96 40.29 -35.20
CA TYR G 37 -35.12 40.03 -36.36
C TYR G 37 -35.38 41.02 -37.50
N GLN G 38 -36.62 41.48 -37.67
CA GLN G 38 -36.90 42.43 -38.74
C GLN G 38 -36.21 43.77 -38.52
N LEU G 39 -35.93 44.15 -37.28
CA LEU G 39 -35.22 45.38 -36.97
C LEU G 39 -33.80 45.05 -36.55
N GLN G 40 -32.83 45.69 -37.20
CA GLN G 40 -31.41 45.44 -37.02
C GLN G 40 -31.08 43.96 -37.19
N PRO G 41 -31.20 43.42 -38.41
CA PRO G 41 -30.78 42.04 -38.64
C PRO G 41 -29.26 41.86 -38.62
N ALA G 42 -28.49 42.94 -38.48
CA ALA G 42 -27.06 42.81 -38.29
C ALA G 42 -26.71 42.45 -36.86
N MET G 43 -27.38 43.07 -35.89
CA MET G 43 -27.13 42.73 -34.49
C MET G 43 -27.60 41.33 -34.17
N THR G 44 -28.70 40.87 -34.78
CA THR G 44 -29.17 39.51 -34.52
C THR G 44 -28.07 38.50 -34.84
N GLN G 45 -27.40 38.66 -35.97
CA GLN G 45 -26.32 37.75 -36.33
C GLN G 45 -25.12 37.93 -35.41
N GLN G 46 -24.90 39.15 -34.91
CA GLN G 46 -23.81 39.39 -33.99
C GLN G 46 -24.02 38.65 -32.67
N ILE G 47 -25.22 38.76 -32.09
CA ILE G 47 -25.51 38.10 -30.83
C ILE G 47 -25.61 36.60 -31.00
N TYR G 48 -26.07 36.14 -32.17
CA TYR G 48 -26.05 34.71 -32.44
C TYR G 48 -24.61 34.20 -32.53
N ASP G 49 -23.74 34.97 -33.18
CA ASP G 49 -22.34 34.56 -33.29
C ASP G 49 -21.67 34.50 -31.93
N LYS G 50 -21.87 35.53 -31.09
CA LYS G 50 -21.32 35.48 -29.74
C LYS G 50 -21.90 34.32 -28.95
N PHE G 51 -23.20 34.04 -29.14
CA PHE G 51 -23.83 32.92 -28.45
C PHE G 51 -23.15 31.60 -28.81
N ILE G 52 -23.02 31.32 -30.10
CA ILE G 52 -22.52 30.03 -30.52
C ILE G 52 -21.04 29.89 -30.16
N ALA G 53 -20.28 30.99 -30.29
CA ALA G 53 -18.86 30.95 -30.00
C ALA G 53 -18.61 30.74 -28.51
N GLN G 54 -19.24 31.56 -27.67
CA GLN G 54 -19.02 31.42 -26.23
C GLN G 54 -19.59 30.11 -25.71
N LEU G 55 -20.61 29.56 -26.39
CA LEU G 55 -21.10 28.24 -26.02
C LEU G 55 -20.06 27.17 -26.26
N GLN G 56 -19.54 27.08 -27.50
CA GLN G 56 -18.64 25.99 -27.81
C GLN G 56 -17.30 26.13 -27.08
N THR G 57 -16.82 27.37 -26.91
CA THR G 57 -15.55 27.52 -26.19
C THR G 57 -15.73 27.37 -24.69
N SER G 58 -16.91 27.69 -24.16
CA SER G 58 -17.16 27.41 -22.75
C SER G 58 -17.22 25.90 -22.50
N ILE G 59 -17.82 25.16 -23.43
CA ILE G 59 -17.99 23.72 -23.25
C ILE G 59 -16.65 23.00 -23.45
N ARG G 60 -15.84 23.46 -24.42
CA ARG G 60 -14.49 22.91 -24.58
C ARG G 60 -13.62 23.28 -23.39
N GLU G 61 -13.79 24.49 -22.87
CA GLU G 61 -13.11 24.84 -21.64
C GLU G 61 -13.54 23.93 -20.51
N GLU G 62 -14.76 23.39 -20.57
CA GLU G 62 -15.20 22.45 -19.55
C GLU G 62 -14.48 21.11 -19.67
N ILE G 63 -14.43 20.53 -20.87
CA ILE G 63 -13.74 19.24 -20.99
C ILE G 63 -12.26 19.40 -20.66
N SER G 64 -11.66 20.54 -21.01
CA SER G 64 -10.30 20.80 -20.55
C SER G 64 -10.25 21.03 -19.04
N ASP G 65 -11.38 21.42 -18.43
CA ASP G 65 -11.42 21.60 -16.99
C ASP G 65 -11.41 20.26 -16.26
N ILE G 66 -12.16 19.27 -16.74
CA ILE G 66 -12.15 17.97 -16.10
C ILE G 66 -11.00 17.08 -16.58
N LYS G 67 -10.28 17.49 -17.62
CA LYS G 67 -9.05 16.77 -17.93
C LYS G 67 -7.92 17.14 -16.96
N GLU G 68 -7.92 18.37 -16.45
CA GLU G 68 -6.88 18.81 -15.52
C GLU G 68 -7.27 18.68 -14.06
N GLU G 69 -8.45 18.13 -13.74
CA GLU G 69 -8.83 18.03 -12.33
C GLU G 69 -7.98 16.96 -11.63
N GLY G 70 -7.94 15.75 -12.18
CA GLY G 70 -7.24 14.64 -11.56
C GLY G 70 -6.29 13.90 -12.47
N ASN G 71 -5.62 14.62 -13.37
CA ASN G 71 -4.68 14.03 -14.33
C ASN G 71 -5.37 12.97 -15.22
N LEU G 72 -6.51 13.33 -15.79
CA LEU G 72 -7.20 12.41 -16.70
C LEU G 72 -6.39 12.13 -17.95
N GLU G 73 -5.53 13.07 -18.36
CA GLU G 73 -4.63 12.77 -19.47
C GLU G 73 -3.64 11.69 -19.07
N ALA G 74 -3.13 11.73 -17.85
CA ALA G 74 -2.16 10.73 -17.41
C ALA G 74 -2.81 9.37 -17.25
N VAL G 75 -4.04 9.33 -16.76
CA VAL G 75 -4.67 8.03 -16.53
C VAL G 75 -5.22 7.44 -17.83
N LEU G 76 -5.68 8.28 -18.76
CA LEU G 76 -6.09 7.75 -20.05
C LEU G 76 -4.91 7.36 -20.92
N ASN G 77 -3.79 8.08 -20.80
CA ASN G 77 -2.57 7.66 -21.49
C ASN G 77 -2.04 6.37 -20.87
N ALA G 78 -2.08 6.25 -19.55
CA ALA G 78 -1.69 5.01 -18.90
C ALA G 78 -2.59 3.86 -19.31
N LEU G 79 -3.89 4.13 -19.49
CA LEU G 79 -4.80 3.10 -19.97
C LEU G 79 -4.48 2.72 -21.41
N ASP G 80 -4.08 3.69 -22.24
CA ASP G 80 -3.61 3.37 -23.58
C ASP G 80 -2.42 2.42 -23.51
N LYS G 81 -1.46 2.72 -22.63
CA LYS G 81 -0.31 1.84 -22.45
C LYS G 81 -0.74 0.44 -22.04
N ILE G 82 -1.59 0.34 -21.02
CA ILE G 82 -2.07 -0.96 -20.54
C ILE G 82 -2.80 -1.71 -21.63
N VAL G 83 -3.47 -1.00 -22.53
CA VAL G 83 -4.18 -1.67 -23.62
C VAL G 83 -3.20 -2.16 -24.67
N GLU G 84 -2.14 -1.39 -24.95
CA GLU G 84 -1.16 -1.83 -25.94
C GLU G 84 -0.37 -3.03 -25.46
N GLU G 85 0.14 -2.97 -24.23
CA GLU G 85 0.92 -4.07 -23.68
C GLU G 85 0.08 -5.33 -23.50
N GLY G 86 -1.20 -5.16 -23.17
CA GLY G 86 -2.10 -6.28 -22.95
C GLY G 86 -2.51 -7.01 -24.22
N LYS G 87 -2.43 -6.33 -25.37
CA LYS G 87 -2.74 -7.00 -26.63
C LYS G 87 -1.76 -8.12 -26.90
N VAL G 88 -2.29 -9.21 -27.49
CA VAL G 88 -1.67 -10.49 -27.84
C VAL G 88 -2.40 -11.59 -27.06
N ARG G 89 -3.24 -11.18 -26.10
CA ARG G 89 -4.04 -12.15 -25.35
C ARG G 89 -5.31 -12.51 -26.11
N LYS G 90 -6.10 -11.51 -26.47
CA LYS G 90 -7.28 -11.67 -27.34
C LYS G 90 -8.38 -12.52 -26.71
N GLU G 91 -8.09 -13.17 -25.63
CA GLU G 91 -9.10 -13.92 -24.90
C GLU G 91 -9.68 -13.08 -23.78
N PRO G 92 -10.92 -13.33 -23.38
CA PRO G 92 -11.50 -12.60 -22.25
C PRO G 92 -10.62 -12.76 -21.02
N ALA G 93 -10.15 -11.63 -20.50
CA ALA G 93 -9.25 -11.68 -19.36
C ALA G 93 -10.02 -12.07 -18.10
N TRP G 94 -9.26 -12.47 -17.08
CA TRP G 94 -9.85 -12.79 -15.80
C TRP G 94 -10.55 -11.57 -15.21
N ARG G 95 -11.78 -11.76 -14.75
CA ARG G 95 -12.49 -10.70 -14.06
C ARG G 95 -12.93 -11.17 -12.68
N PRO G 96 -13.11 -10.24 -11.74
CA PRO G 96 -13.56 -10.62 -10.39
C PRO G 96 -14.85 -11.42 -10.41
N SER G 97 -14.75 -12.70 -10.06
CA SER G 97 -15.89 -13.59 -10.06
C SER G 97 -16.91 -13.29 -8.96
N GLY G 98 -16.59 -12.36 -8.06
CA GLY G 98 -17.48 -11.99 -6.98
C GLY G 98 -17.31 -12.80 -5.72
N ILE G 99 -16.42 -13.80 -5.72
CA ILE G 99 -16.12 -14.57 -4.52
C ILE G 99 -14.71 -14.23 -4.07
N PRO G 100 -14.54 -13.40 -3.05
CA PRO G 100 -13.18 -12.92 -2.69
C PRO G 100 -12.21 -14.02 -2.33
N GLU G 101 -12.70 -15.18 -1.86
CA GLU G 101 -11.79 -16.26 -1.48
C GLU G 101 -11.02 -16.79 -2.68
N LYS G 102 -11.68 -16.95 -3.82
CA LYS G 102 -10.99 -17.49 -5.00
C LYS G 102 -9.88 -16.56 -5.46
N ASP G 103 -10.21 -15.27 -5.64
CA ASP G 103 -9.23 -14.31 -6.13
C ASP G 103 -8.09 -14.15 -5.13
N LEU G 104 -8.43 -14.14 -3.83
CA LEU G 104 -7.40 -14.02 -2.79
C LEU G 104 -6.47 -15.23 -2.79
N HIS G 105 -7.01 -16.42 -3.03
CA HIS G 105 -6.16 -17.59 -3.22
C HIS G 105 -5.25 -17.41 -4.42
N SER G 106 -5.79 -16.87 -5.52
CA SER G 106 -4.97 -16.72 -6.72
C SER G 106 -3.80 -15.78 -6.46
N VAL G 107 -3.99 -14.73 -5.66
CA VAL G 107 -2.89 -13.82 -5.38
C VAL G 107 -1.94 -14.40 -4.34
N MET G 108 -2.46 -15.11 -3.33
CA MET G 108 -1.60 -15.66 -2.28
C MET G 108 -0.88 -16.94 -2.70
N ALA G 109 -1.22 -17.52 -3.85
CA ALA G 109 -0.62 -18.79 -4.27
C ALA G 109 0.90 -18.78 -4.30
N PRO G 110 1.59 -17.84 -4.95
CA PRO G 110 3.06 -18.00 -5.09
C PRO G 110 3.80 -18.04 -3.77
N TYR G 111 3.37 -17.25 -2.79
CA TYR G 111 4.05 -17.23 -1.51
C TYR G 111 3.82 -18.53 -0.73
N PHE G 112 2.66 -19.13 -0.89
CA PHE G 112 2.42 -20.44 -0.28
C PHE G 112 3.20 -21.54 -0.98
N LEU G 113 3.42 -21.39 -2.30
CA LEU G 113 4.28 -22.35 -3.02
C LEU G 113 5.72 -22.25 -2.54
N GLN G 114 6.26 -21.04 -2.42
CA GLN G 114 7.62 -20.89 -1.93
C GLN G 114 7.75 -21.35 -0.48
N GLN G 115 6.69 -21.19 0.32
CA GLN G 115 6.68 -21.76 1.65
C GLN G 115 6.78 -23.29 1.58
N ARG G 116 5.96 -23.91 0.71
CA ARG G 116 6.03 -25.35 0.52
C ARG G 116 7.43 -25.80 0.13
N ASP G 117 8.06 -25.11 -0.82
CA ASP G 117 9.35 -25.57 -1.33
C ASP G 117 10.45 -25.36 -0.30
N THR G 118 10.39 -24.27 0.47
CA THR G 118 11.36 -24.07 1.55
C THR G 118 11.24 -25.16 2.60
N LEU G 119 10.01 -25.38 3.11
CA LEU G 119 9.79 -26.45 4.07
C LEU G 119 10.20 -27.80 3.49
N ARG G 120 10.01 -27.99 2.20
CA ARG G 120 10.33 -29.25 1.55
C ARG G 120 11.85 -29.49 1.54
N ARG G 121 12.62 -28.45 1.20
CA ARG G 121 14.07 -28.59 1.26
C ARG G 121 14.56 -28.83 2.68
N HIS G 122 13.90 -28.21 3.66
CA HIS G 122 14.26 -28.48 5.06
C HIS G 122 14.01 -29.93 5.43
N VAL G 123 12.79 -30.41 5.17
CA VAL G 123 12.41 -31.78 5.50
C VAL G 123 13.35 -32.77 4.84
N GLN G 124 13.66 -32.58 3.56
CA GLN G 124 14.49 -33.57 2.88
C GLN G 124 15.95 -33.46 3.30
N LYS G 125 16.42 -32.27 3.65
CA LYS G 125 17.74 -32.14 4.25
C LYS G 125 17.86 -32.99 5.51
N GLN G 126 16.96 -32.73 6.48
CA GLN G 126 16.98 -33.51 7.71
C GLN G 126 16.72 -34.99 7.46
N GLU G 127 15.99 -35.31 6.38
CA GLU G 127 15.68 -36.70 6.07
C GLU G 127 16.93 -37.43 5.61
N ALA G 128 17.72 -36.82 4.72
CA ALA G 128 18.98 -37.43 4.30
C ALA G 128 19.92 -37.58 5.48
N GLU G 129 20.04 -36.53 6.30
CA GLU G 129 20.90 -36.63 7.48
C GLU G 129 20.45 -37.74 8.42
N ASN G 130 19.13 -37.96 8.51
CA ASN G 130 18.64 -39.03 9.36
C ASN G 130 18.90 -40.40 8.76
N GLN G 131 18.82 -40.54 7.44
CA GLN G 131 19.11 -41.84 6.85
C GLN G 131 20.58 -42.20 7.07
N GLN G 132 21.49 -41.24 6.87
CA GLN G 132 22.90 -41.52 7.15
C GLN G 132 23.12 -41.82 8.64
N LEU G 133 22.50 -41.03 9.51
CA LEU G 133 22.67 -41.23 10.95
C LEU G 133 22.21 -42.62 11.35
N ALA G 134 21.08 -43.06 10.81
CA ALA G 134 20.58 -44.41 11.07
C ALA G 134 21.54 -45.45 10.53
N ASP G 135 22.13 -45.21 9.35
CA ASP G 135 23.16 -46.12 8.86
C ASP G 135 24.28 -46.29 9.89
N ALA G 136 24.73 -45.18 10.47
CA ALA G 136 25.73 -45.28 11.54
C ALA G 136 25.22 -46.11 12.71
N VAL G 137 23.94 -45.93 13.06
CA VAL G 137 23.38 -46.69 14.17
C VAL G 137 23.40 -48.18 13.86
N LEU G 138 23.02 -48.56 12.63
CA LEU G 138 23.06 -49.96 12.25
C LEU G 138 24.48 -50.51 12.32
N ALA G 139 25.46 -49.75 11.84
CA ALA G 139 26.86 -50.17 11.96
C ALA G 139 27.21 -50.44 13.42
N GLY G 140 26.84 -49.53 14.32
CA GLY G 140 27.13 -49.73 15.72
C GLY G 140 26.41 -50.93 16.31
N ARG G 141 25.23 -51.24 15.79
CA ARG G 141 24.47 -52.36 16.33
C ARG G 141 25.02 -53.70 15.87
N ARG G 142 25.50 -53.79 14.62
CA ARG G 142 26.21 -54.99 14.22
C ARG G 142 27.54 -55.10 14.95
N GLN G 143 28.14 -53.97 15.30
CA GLN G 143 29.33 -54.01 16.15
C GLN G 143 29.02 -54.59 17.51
N VAL G 144 27.90 -54.16 18.12
CA VAL G 144 27.51 -54.71 19.42
C VAL G 144 27.18 -56.20 19.31
N GLU G 145 26.56 -56.60 18.20
CA GLU G 145 26.21 -58.00 18.00
C GLU G 145 27.45 -58.87 17.90
N GLU G 146 28.40 -58.51 17.03
CA GLU G 146 29.60 -59.31 16.91
C GLU G 146 30.44 -59.26 18.18
N LEU G 147 30.35 -58.16 18.94
CA LEU G 147 31.05 -58.09 20.22
C LEU G 147 30.50 -59.12 21.20
N GLN G 148 29.18 -59.16 21.39
CA GLN G 148 28.64 -60.17 22.30
C GLN G 148 28.85 -61.58 21.75
N LEU G 149 28.93 -61.72 20.42
CA LEU G 149 29.28 -63.01 19.84
C LEU G 149 30.70 -63.41 20.24
N GLN G 150 31.62 -62.45 20.29
CA GLN G 150 32.97 -62.74 20.77
C GLN G 150 32.95 -63.07 22.26
N VAL G 151 32.12 -62.36 23.03
CA VAL G 151 31.98 -62.63 24.46
C VAL G 151 31.60 -64.09 24.68
N GLN G 152 30.51 -64.53 24.04
CA GLN G 152 30.09 -65.92 24.19
C GLN G 152 31.11 -66.87 23.58
N ALA G 153 31.84 -66.43 22.56
CA ALA G 153 32.83 -67.28 21.91
C ALA G 153 33.94 -67.64 22.89
N GLN G 154 34.62 -66.65 23.46
CA GLN G 154 35.65 -66.94 24.44
C GLN G 154 35.07 -67.55 25.71
N GLN G 155 33.82 -67.22 26.03
CA GLN G 155 33.19 -67.82 27.20
C GLN G 155 33.10 -69.33 27.06
N GLN G 156 32.49 -69.81 25.97
CA GLN G 156 32.44 -71.26 25.75
C GLN G 156 33.83 -71.82 25.52
N ALA G 157 34.76 -71.01 25.02
CA ALA G 157 36.15 -71.45 24.89
C ALA G 157 36.72 -71.82 26.25
N TRP G 158 36.36 -71.07 27.29
CA TRP G 158 36.75 -71.46 28.64
C TRP G 158 35.86 -72.55 29.21
N GLN G 159 34.65 -72.74 28.67
CA GLN G 159 33.78 -73.83 29.11
C GLN G 159 34.19 -75.18 28.50
N ALA G 160 35.03 -75.18 27.47
CA ALA G 160 35.41 -76.43 26.84
C ALA G 160 36.29 -77.29 27.74
N LEU G 161 36.90 -76.69 28.77
CA LEU G 161 37.76 -77.43 29.69
C LEU G 161 36.98 -78.48 30.47
N HIS G 162 35.66 -78.35 30.53
CA HIS G 162 34.86 -79.22 31.37
C HIS G 162 34.98 -80.69 30.97
N ARG G 163 34.99 -80.98 29.67
CA ARG G 163 35.13 -82.38 29.24
C ARG G 163 36.49 -82.93 29.63
N GLU G 164 37.57 -82.16 29.42
CA GLU G 164 38.89 -82.61 29.81
C GLU G 164 38.95 -82.92 31.30
N GLN G 165 38.33 -82.07 32.12
CA GLN G 165 38.22 -82.41 33.53
C GLN G 165 37.38 -83.65 33.76
N ARG G 166 36.36 -83.89 32.93
CA ARG G 166 35.47 -85.01 33.21
C ARG G 166 36.15 -86.36 32.94
N GLU G 167 36.88 -86.51 31.82
CA GLU G 167 37.57 -87.80 31.69
C GLU G 167 38.86 -87.81 32.49
N LEU G 168 39.36 -86.64 32.91
CA LEU G 168 40.40 -86.66 33.93
C LEU G 168 39.91 -87.35 35.18
N VAL G 169 38.72 -86.98 35.65
CA VAL G 169 38.14 -87.65 36.80
C VAL G 169 37.83 -89.11 36.48
N ALA G 170 37.50 -89.41 35.22
CA ALA G 170 37.26 -90.79 34.83
C ALA G 170 38.51 -91.64 34.93
N VAL G 171 39.66 -91.07 34.55
CA VAL G 171 40.93 -91.80 34.62
C VAL G 171 41.31 -92.08 36.07
N LEU G 172 41.05 -91.14 36.97
CA LEU G 172 41.52 -91.22 38.34
C LEU G 172 40.57 -91.97 39.26
N ARG G 173 39.54 -92.62 38.72
CA ARG G 173 38.58 -93.36 39.53
C ARG G 173 38.67 -94.85 39.25
N GLU G 174 38.44 -95.65 40.28
CA GLU G 174 38.48 -97.10 40.17
C GLU G 174 37.65 -97.77 41.26
N SER H 19 -37.36 -1.39 -19.98
CA SER H 19 -38.18 -1.51 -18.76
C SER H 19 -37.42 -0.99 -17.55
N LEU H 20 -37.82 0.20 -17.09
CA LEU H 20 -37.17 0.82 -15.93
C LEU H 20 -37.31 -0.04 -14.69
N GLU H 21 -38.46 -0.70 -14.54
CA GLU H 21 -38.71 -1.53 -13.36
C GLU H 21 -37.64 -2.62 -13.24
N ALA H 22 -37.34 -3.30 -14.34
CA ALA H 22 -36.34 -4.36 -14.32
C ALA H 22 -34.96 -3.81 -13.98
N SER H 23 -34.63 -2.62 -14.50
CA SER H 23 -33.33 -2.01 -14.22
C SER H 23 -33.19 -1.70 -12.74
N VAL H 24 -34.22 -1.08 -12.15
CA VAL H 24 -34.17 -0.79 -10.72
C VAL H 24 -34.16 -2.07 -9.90
N ALA H 25 -34.79 -3.14 -10.41
CA ALA H 25 -34.78 -4.41 -9.70
C ALA H 25 -33.38 -5.02 -9.68
N GLU H 26 -32.78 -5.19 -10.86
CA GLU H 26 -31.43 -5.73 -10.94
C GLU H 26 -30.44 -4.88 -10.15
N MET H 27 -30.62 -3.57 -10.18
CA MET H 27 -29.77 -2.68 -9.40
C MET H 27 -29.99 -2.89 -7.90
N LYS H 28 -31.23 -3.18 -7.51
CA LYS H 28 -31.52 -3.47 -6.10
C LYS H 28 -31.03 -4.86 -5.69
N GLU H 29 -30.73 -5.73 -6.66
CA GLU H 29 -30.02 -6.96 -6.33
C GLU H 29 -28.53 -6.69 -6.19
N TYR H 30 -27.95 -5.94 -7.12
CA TYR H 30 -26.52 -5.68 -7.09
C TYR H 30 -26.12 -4.93 -5.83
N ILE H 31 -26.95 -3.99 -5.37
CA ILE H 31 -26.61 -3.23 -4.16
C ILE H 31 -26.36 -4.17 -2.98
N THR H 32 -27.22 -5.19 -2.83
CA THR H 32 -27.09 -6.11 -1.70
C THR H 32 -25.97 -7.13 -1.94
N LYS H 33 -25.81 -7.60 -3.18
CA LYS H 33 -24.71 -8.49 -3.51
C LYS H 33 -23.36 -7.85 -3.17
N PHE H 34 -23.12 -6.66 -3.68
CA PHE H 34 -21.89 -5.94 -3.35
C PHE H 34 -21.83 -5.55 -1.88
N SER H 35 -22.99 -5.40 -1.21
CA SER H 35 -22.98 -5.22 0.23
C SER H 35 -22.33 -6.41 0.94
N LEU H 36 -22.81 -7.62 0.63
CA LEU H 36 -22.23 -8.81 1.26
C LEU H 36 -20.78 -9.01 0.84
N GLU H 37 -20.42 -8.65 -0.40
CA GLU H 37 -19.03 -8.81 -0.80
C GLU H 37 -18.11 -7.85 -0.04
N ARG H 38 -18.53 -6.58 0.10
CA ARG H 38 -17.76 -5.66 0.94
C ARG H 38 -17.62 -6.20 2.36
N GLN H 39 -18.71 -6.74 2.91
CA GLN H 39 -18.65 -7.37 4.22
C GLN H 39 -17.59 -8.46 4.27
N THR H 40 -17.58 -9.34 3.27
CA THR H 40 -16.61 -10.44 3.25
C THR H 40 -15.18 -9.90 3.13
N TRP H 41 -14.99 -8.81 2.39
CA TRP H 41 -13.66 -8.23 2.24
C TRP H 41 -13.14 -7.67 3.57
N ASP H 42 -13.98 -6.91 4.28
CA ASP H 42 -13.54 -6.35 5.56
C ASP H 42 -13.28 -7.46 6.56
N GLN H 43 -14.23 -8.41 6.67
CA GLN H 43 -14.09 -9.55 7.56
C GLN H 43 -12.80 -10.32 7.28
N LEU H 44 -12.56 -10.63 6.01
CA LEU H 44 -11.38 -11.40 5.63
C LEU H 44 -10.10 -10.65 5.96
N LEU H 45 -10.06 -9.35 5.64
CA LEU H 45 -8.87 -8.56 5.88
C LEU H 45 -8.53 -8.50 7.37
N LEU H 46 -9.53 -8.21 8.21
CA LEU H 46 -9.24 -8.21 9.64
C LEU H 46 -8.90 -9.60 10.16
N HIS H 47 -9.44 -10.64 9.53
CA HIS H 47 -9.06 -12.02 9.86
C HIS H 47 -7.56 -12.22 9.70
N TYR H 48 -7.04 -12.03 8.48
CA TYR H 48 -5.61 -12.21 8.27
C TYR H 48 -4.80 -11.23 9.12
N GLN H 49 -5.36 -10.07 9.45
CA GLN H 49 -4.66 -9.10 10.27
C GLN H 49 -4.43 -9.64 11.69
N GLN H 50 -5.51 -10.04 12.37
CA GLN H 50 -5.35 -10.53 13.74
C GLN H 50 -4.64 -11.89 13.77
N GLU H 51 -4.73 -12.67 12.69
CA GLU H 51 -3.90 -13.86 12.59
C GLU H 51 -2.41 -13.50 12.61
N ALA H 52 -2.02 -12.55 11.76
CA ALA H 52 -0.62 -12.13 11.75
C ALA H 52 -0.19 -11.57 13.10
N LYS H 53 -1.05 -10.76 13.72
CA LYS H 53 -0.72 -10.18 15.02
C LYS H 53 -0.51 -11.25 16.06
N GLU H 54 -1.41 -12.24 16.10
CA GLU H 54 -1.33 -13.26 17.14
C GLU H 54 -0.14 -14.19 16.92
N ILE H 55 0.15 -14.52 15.66
CA ILE H 55 1.28 -15.42 15.40
C ILE H 55 2.61 -14.72 15.61
N LEU H 56 2.68 -13.41 15.36
CA LEU H 56 3.93 -12.70 15.60
C LEU H 56 4.12 -12.35 17.07
N SER H 57 3.04 -12.24 17.84
CA SER H 57 3.15 -12.05 19.29
C SER H 57 3.17 -13.36 20.07
N ARG H 58 2.98 -14.51 19.40
CA ARG H 58 2.89 -15.79 20.10
C ARG H 58 4.25 -16.39 20.45
N GLY H 59 5.28 -16.15 19.62
CA GLY H 59 6.56 -16.78 19.88
C GLY H 59 7.31 -16.18 21.05
N SER H 60 7.17 -14.88 21.26
CA SER H 60 7.86 -14.20 22.35
C SER H 60 7.15 -14.43 23.69
N THR H 61 5.93 -13.92 23.80
CA THR H 61 5.15 -14.03 25.04
C THR H 61 4.65 -15.45 25.25
N LEU H 76 6.41 -40.80 15.63
CA LEU H 76 7.56 -41.42 15.00
C LEU H 76 7.17 -42.14 13.71
N GLY H 77 6.67 -41.40 12.73
CA GLY H 77 6.39 -41.97 11.43
C GLY H 77 7.44 -41.55 10.43
N SER H 78 8.65 -41.33 10.93
CA SER H 78 9.73 -40.73 10.16
C SER H 78 10.21 -41.65 9.04
N SER H 79 11.11 -41.11 8.22
CA SER H 79 11.78 -41.91 7.20
C SER H 79 12.40 -43.17 7.80
N GLN H 80 13.08 -43.04 8.93
CA GLN H 80 13.75 -44.17 9.57
C GLN H 80 12.84 -44.78 10.62
N ASN H 81 11.80 -45.44 10.12
CA ASN H 81 10.86 -46.12 10.99
C ASN H 81 11.37 -47.50 11.40
N GLU H 82 11.83 -48.28 10.42
CA GLU H 82 12.30 -49.63 10.70
C GLU H 82 13.52 -49.60 11.61
N VAL H 83 14.48 -48.72 11.31
CA VAL H 83 15.67 -48.61 12.14
C VAL H 83 15.30 -48.27 13.57
N LEU H 84 14.31 -47.40 13.75
CA LEU H 84 13.89 -47.02 15.10
C LEU H 84 13.19 -48.17 15.81
N ASN H 85 12.39 -48.94 15.08
CA ASN H 85 11.66 -50.04 15.69
C ASN H 85 12.53 -51.27 15.93
N THR H 86 13.64 -51.40 15.20
CA THR H 86 14.65 -52.42 15.48
C THR H 86 15.56 -51.80 16.53
N LYS H 87 15.33 -52.16 17.79
CA LYS H 87 16.02 -51.51 18.91
C LYS H 87 16.31 -52.56 19.97
N PRO H 88 17.44 -53.25 19.86
CA PRO H 88 17.75 -54.34 20.80
C PRO H 88 17.92 -53.86 22.23
N ASP H 89 17.52 -54.73 23.16
CA ASP H 89 17.57 -54.44 24.59
C ASP H 89 19.02 -54.54 25.06
N TYR H 90 19.61 -53.40 25.44
CA TYR H 90 20.99 -53.42 25.90
C TYR H 90 21.06 -53.80 27.38
N GLN H 91 20.08 -53.38 28.16
CA GLN H 91 20.03 -53.75 29.58
C GLN H 91 20.10 -55.27 29.75
N LYS H 92 19.31 -56.00 28.95
CA LYS H 92 19.37 -57.45 28.98
C LYS H 92 20.76 -57.95 28.60
N ILE H 93 21.48 -57.19 27.77
CA ILE H 93 22.85 -57.58 27.41
C ILE H 93 23.76 -57.49 28.63
N LEU H 94 23.69 -56.36 29.36
CA LEU H 94 24.53 -56.25 30.55
C LEU H 94 24.17 -57.28 31.60
N GLN H 95 22.87 -57.61 31.73
CA GLN H 95 22.48 -58.71 32.61
C GLN H 95 23.14 -60.01 32.19
N ASN H 96 23.10 -60.30 30.88
CA ASN H 96 23.70 -61.53 30.37
C ASN H 96 25.20 -61.57 30.64
N GLN H 97 25.87 -60.41 30.65
CA GLN H 97 27.25 -60.36 31.12
C GLN H 97 27.34 -60.75 32.59
N SER H 98 26.45 -60.17 33.41
CA SER H 98 26.47 -60.43 34.85
C SER H 98 26.34 -61.91 35.14
N LYS H 99 25.59 -62.66 34.32
CA LYS H 99 25.54 -64.10 34.53
C LYS H 99 26.67 -64.85 33.83
N VAL H 100 27.25 -64.27 32.76
CA VAL H 100 28.45 -64.86 32.17
C VAL H 100 29.55 -64.97 33.22
N PHE H 101 29.76 -63.90 33.99
CA PHE H 101 30.79 -63.93 35.02
C PHE H 101 30.52 -65.04 36.03
N ASP H 102 29.25 -65.33 36.32
CA ASP H 102 28.92 -66.43 37.21
C ASP H 102 29.29 -67.76 36.59
N CYS H 103 28.89 -67.97 35.33
CA CYS H 103 29.24 -69.19 34.60
C CYS H 103 30.75 -69.46 34.67
N MET H 104 31.56 -68.46 34.36
CA MET H 104 33.00 -68.66 34.48
C MET H 104 33.43 -68.91 35.91
N GLU H 105 32.76 -68.27 36.88
CA GLU H 105 33.15 -68.48 38.28
C GLU H 105 33.03 -69.94 38.68
N LEU H 106 31.86 -70.55 38.45
CA LEU H 106 31.75 -71.96 38.81
C LEU H 106 32.56 -72.86 37.87
N VAL H 107 32.84 -72.41 36.64
CA VAL H 107 33.79 -73.11 35.80
C VAL H 107 35.13 -73.27 36.51
N MET H 108 35.67 -72.15 37.01
CA MET H 108 36.95 -72.21 37.71
C MET H 108 36.84 -72.91 39.06
N ASP H 109 35.64 -72.93 39.66
CA ASP H 109 35.46 -73.72 40.88
C ASP H 109 35.62 -75.21 40.58
N GLU H 110 34.95 -75.70 39.53
CA GLU H 110 35.13 -77.09 39.13
C GLU H 110 36.59 -77.36 38.76
N LEU H 111 37.25 -76.41 38.10
CA LEU H 111 38.65 -76.59 37.75
C LEU H 111 39.51 -76.79 39.01
N GLN H 112 39.39 -75.87 39.96
CA GLN H 112 40.14 -76.00 41.20
C GLN H 112 39.68 -77.17 42.06
N GLY H 113 38.57 -77.81 41.71
CA GLY H 113 38.25 -79.08 42.32
C GLY H 113 39.03 -80.20 41.66
N SER H 114 39.06 -80.18 40.33
CA SER H 114 39.81 -81.19 39.59
C SER H 114 41.29 -81.19 39.97
N VAL H 115 41.85 -80.02 40.28
CA VAL H 115 43.24 -79.99 40.71
C VAL H 115 43.43 -80.78 42.00
N LYS H 116 42.52 -80.63 42.96
CA LYS H 116 42.61 -81.38 44.21
C LYS H 116 42.45 -82.88 43.95
N GLN H 117 41.45 -83.25 43.15
CA GLN H 117 41.28 -84.66 42.75
C GLN H 117 42.55 -85.22 42.14
N LEU H 118 43.33 -84.37 41.46
CA LEU H 118 44.60 -84.82 40.91
C LEU H 118 45.65 -84.98 42.01
N GLN H 119 45.81 -83.93 42.83
CA GLN H 119 46.93 -83.90 43.78
C GLN H 119 46.78 -84.90 44.91
N ALA H 120 45.56 -85.38 45.17
CA ALA H 120 45.40 -86.56 46.00
C ALA H 120 46.08 -87.78 45.36
N PHE H 121 45.81 -87.99 44.06
CA PHE H 121 46.43 -89.09 43.34
C PHE H 121 47.95 -88.95 43.27
N MET H 122 48.45 -87.72 43.09
CA MET H 122 49.89 -87.53 43.03
C MET H 122 50.56 -87.79 44.38
N ASP H 123 49.95 -87.31 45.47
CA ASP H 123 50.55 -87.54 46.79
C ASP H 123 50.53 -89.03 47.14
N GLU H 124 49.38 -89.68 46.93
CA GLU H 124 49.31 -91.12 47.18
C GLU H 124 50.25 -91.88 46.24
N SER H 125 50.54 -91.32 45.07
CA SER H 125 51.46 -91.97 44.15
C SER H 125 52.89 -91.92 44.67
N THR H 126 53.33 -90.73 45.12
CA THR H 126 54.71 -90.65 45.61
C THR H 126 54.89 -91.42 46.91
N GLN H 127 53.88 -91.45 47.79
CA GLN H 127 54.02 -92.24 49.01
C GLN H 127 54.01 -93.73 48.71
N CYS H 128 53.07 -94.18 47.86
CA CYS H 128 53.02 -95.59 47.52
C CYS H 128 54.24 -96.04 46.71
N PHE H 129 54.94 -95.11 46.06
CA PHE H 129 56.19 -95.45 45.39
C PHE H 129 57.40 -95.36 46.31
N GLN H 130 57.31 -94.63 47.43
CA GLN H 130 58.37 -94.73 48.43
C GLN H 130 58.15 -95.90 49.38
N LYS H 131 56.97 -96.51 49.38
CA LYS H 131 56.74 -97.76 50.12
C LYS H 131 57.54 -98.94 49.59
N VAL H 132 58.38 -98.75 48.57
CA VAL H 132 59.14 -99.86 47.98
C VAL H 132 60.31 -100.30 48.83
N SER H 133 60.64 -99.57 49.89
CA SER H 133 61.76 -99.95 50.75
C SER H 133 61.38 -101.09 51.68
N PHE I 13 -42.40 5.74 -11.41
CA PHE I 13 -41.15 5.77 -10.67
C PHE I 13 -40.59 7.18 -10.57
N MET I 14 -40.85 7.85 -9.45
CA MET I 14 -40.37 9.21 -9.26
C MET I 14 -38.84 9.23 -9.20
N ASP I 15 -38.25 10.31 -9.72
CA ASP I 15 -36.80 10.39 -9.86
C ASP I 15 -36.09 10.73 -8.56
N SER I 16 -36.80 11.34 -7.59
CA SER I 16 -36.15 11.66 -6.32
C SER I 16 -35.61 10.41 -5.62
N ASP I 17 -36.37 9.32 -5.70
CA ASP I 17 -35.90 8.04 -5.15
C ASP I 17 -34.76 7.46 -5.99
N ILE I 18 -34.85 7.60 -7.31
CA ILE I 18 -33.87 7.00 -8.21
C ILE I 18 -32.51 7.68 -8.07
N LYS I 19 -32.46 8.98 -7.77
CA LYS I 19 -31.18 9.64 -7.57
C LYS I 19 -30.51 9.18 -6.27
N VAL I 20 -31.29 8.97 -5.22
CA VAL I 20 -30.72 8.43 -3.98
C VAL I 20 -30.24 7.01 -4.19
N LEU I 21 -31.04 6.18 -4.87
CA LEU I 21 -30.66 4.79 -5.08
C LEU I 21 -29.42 4.69 -5.96
N GLU I 22 -29.36 5.49 -7.03
CA GLU I 22 -28.18 5.48 -7.89
C GLU I 22 -26.97 6.10 -7.19
N ASP I 23 -27.20 7.03 -6.27
CA ASP I 23 -26.09 7.60 -5.50
C ASP I 23 -25.47 6.57 -4.58
N GLN I 24 -26.30 5.92 -3.74
CA GLN I 24 -25.79 4.86 -2.87
C GLN I 24 -25.19 3.74 -3.69
N PHE I 25 -25.79 3.43 -4.85
CA PHE I 25 -25.28 2.38 -5.71
C PHE I 25 -23.88 2.72 -6.22
N ASP I 26 -23.70 3.94 -6.72
CA ASP I 26 -22.37 4.38 -7.12
C ASP I 26 -21.38 4.29 -5.97
N GLU I 27 -21.82 4.69 -4.76
CA GLU I 27 -20.95 4.59 -3.60
C GLU I 27 -20.47 3.18 -3.37
N ILE I 28 -21.38 2.20 -3.44
CA ILE I 28 -20.97 0.82 -3.18
C ILE I 28 -20.16 0.27 -4.34
N ILE I 29 -20.35 0.79 -5.56
CA ILE I 29 -19.54 0.33 -6.69
C ILE I 29 -18.10 0.77 -6.52
N VAL I 30 -17.87 2.07 -6.28
CA VAL I 30 -16.50 2.52 -6.13
C VAL I 30 -15.88 1.95 -4.86
N ASP I 31 -16.71 1.67 -3.84
CA ASP I 31 -16.16 1.09 -2.61
C ASP I 31 -15.73 -0.35 -2.83
N ILE I 32 -16.59 -1.17 -3.44
CA ILE I 32 -16.25 -2.56 -3.67
C ILE I 32 -15.09 -2.67 -4.66
N ALA I 33 -14.98 -1.72 -5.59
CA ALA I 33 -13.85 -1.71 -6.50
C ALA I 33 -12.56 -1.37 -5.76
N THR I 34 -12.60 -0.39 -4.85
CA THR I 34 -11.43 -0.07 -4.06
C THR I 34 -10.99 -1.27 -3.21
N LYS I 35 -11.95 -1.94 -2.57
CA LYS I 35 -11.64 -3.17 -1.84
C LYS I 35 -10.95 -4.17 -2.75
N ARG I 36 -11.62 -4.52 -3.86
CA ARG I 36 -11.09 -5.48 -4.83
C ARG I 36 -9.65 -5.15 -5.22
N LYS I 37 -9.34 -3.86 -5.30
CA LYS I 37 -7.98 -3.47 -5.71
C LYS I 37 -6.99 -3.62 -4.56
N GLN I 38 -7.11 -2.79 -3.53
CA GLN I 38 -6.01 -2.62 -2.58
C GLN I 38 -6.11 -3.50 -1.34
N TYR I 39 -7.21 -4.24 -1.15
CA TYR I 39 -7.28 -5.17 -0.01
C TYR I 39 -6.37 -6.38 -0.19
N PRO I 40 -6.33 -7.06 -1.34
CA PRO I 40 -5.44 -8.21 -1.46
C PRO I 40 -3.97 -7.89 -1.18
N ARG I 41 -3.55 -6.65 -1.42
CA ARG I 41 -2.15 -6.30 -1.18
C ARG I 41 -1.85 -6.20 0.31
N LYS I 42 -2.76 -5.60 1.08
CA LYS I 42 -2.55 -5.49 2.52
C LYS I 42 -2.67 -6.85 3.20
N ILE I 43 -3.71 -7.61 2.84
CA ILE I 43 -3.84 -8.98 3.33
C ILE I 43 -2.58 -9.77 3.00
N LEU I 44 -2.07 -9.59 1.77
CA LEU I 44 -0.85 -10.24 1.35
C LEU I 44 0.31 -9.87 2.28
N GLU I 45 0.44 -8.58 2.60
CA GLU I 45 1.44 -8.16 3.58
C GLU I 45 1.29 -8.93 4.88
N CYS I 46 0.05 -9.09 5.35
CA CYS I 46 -0.18 -9.85 6.57
C CYS I 46 0.32 -11.28 6.44
N VAL I 47 -0.05 -11.98 5.36
CA VAL I 47 0.34 -13.38 5.25
C VAL I 47 1.85 -13.51 5.06
N ILE I 48 2.49 -12.49 4.48
CA ILE I 48 3.95 -12.49 4.41
C ILE I 48 4.54 -12.46 5.80
N LYS I 49 3.95 -11.65 6.69
CA LYS I 49 4.38 -11.71 8.09
C LYS I 49 4.14 -13.10 8.69
N THR I 50 2.98 -13.70 8.40
CA THR I 50 2.60 -14.93 9.07
C THR I 50 3.51 -16.10 8.68
N ILE I 51 3.77 -16.28 7.38
CA ILE I 51 4.56 -17.43 6.97
C ILE I 51 5.97 -17.36 7.52
N LYS I 52 6.51 -16.14 7.66
CA LYS I 52 7.84 -16.00 8.24
C LYS I 52 7.80 -16.30 9.74
N ALA I 53 6.77 -15.80 10.44
CA ALA I 53 6.65 -16.11 11.86
C ALA I 53 6.53 -17.61 12.09
N LYS I 54 5.72 -18.29 11.27
CA LYS I 54 5.52 -19.73 11.41
C LYS I 54 6.80 -20.49 11.11
N GLN I 55 7.53 -20.09 10.06
CA GLN I 55 8.77 -20.79 9.75
C GLN I 55 9.79 -20.61 10.87
N GLU I 56 9.89 -19.41 11.43
CA GLU I 56 10.88 -19.17 12.47
C GLU I 56 10.51 -19.91 13.75
N ILE I 57 9.23 -19.89 14.15
CA ILE I 57 8.85 -20.62 15.36
C ILE I 57 8.96 -22.13 15.12
N LEU I 58 8.89 -22.57 13.86
CA LEU I 58 9.19 -23.96 13.56
C LEU I 58 10.66 -24.26 13.82
N LYS I 59 11.55 -23.41 13.31
CA LYS I 59 12.98 -23.63 13.50
C LYS I 59 13.40 -23.49 14.95
N GLN I 60 12.66 -22.74 15.76
CA GLN I 60 12.99 -22.64 17.18
C GLN I 60 12.69 -23.95 17.92
N TYR I 61 11.87 -24.81 17.33
CA TYR I 61 11.61 -26.12 17.91
C TYR I 61 12.73 -27.11 17.63
N HIS I 62 13.68 -26.73 16.77
CA HIS I 62 14.83 -27.59 16.47
C HIS I 62 15.46 -28.20 17.73
N PRO I 63 15.59 -27.48 18.86
CA PRO I 63 15.95 -28.15 20.11
C PRO I 63 14.77 -28.93 20.70
N VAL I 64 14.57 -30.16 20.21
CA VAL I 64 13.55 -31.03 20.79
C VAL I 64 14.01 -31.55 22.15
N VAL I 65 15.28 -31.93 22.25
CA VAL I 65 15.98 -32.37 23.46
C VAL I 65 15.14 -33.31 24.32
N HIS I 66 15.22 -34.60 24.03
CA HIS I 66 14.65 -35.65 24.87
C HIS I 66 15.73 -36.69 25.08
N PRO I 67 16.08 -37.03 26.33
CA PRO I 67 17.33 -37.76 26.58
C PRO I 67 17.31 -39.23 26.16
N LEU I 68 16.23 -39.96 26.48
CA LEU I 68 16.15 -41.42 26.33
C LEU I 68 17.12 -42.08 27.29
N ASP I 69 18.18 -42.73 26.77
CA ASP I 69 19.23 -43.31 27.61
C ASP I 69 18.69 -44.49 28.43
N LEU I 70 18.71 -44.34 29.76
CA LEU I 70 18.53 -45.42 30.74
C LEU I 70 19.72 -46.37 30.75
N LYS I 71 20.66 -46.16 31.66
CA LYS I 71 21.82 -47.03 31.80
C LYS I 71 21.53 -48.14 32.80
N TYR I 72 22.32 -49.21 32.70
CA TYR I 72 22.28 -50.32 33.62
C TYR I 72 23.21 -50.09 34.81
N ASP I 73 22.86 -50.73 35.93
CA ASP I 73 23.70 -50.81 37.11
C ASP I 73 25.00 -51.53 36.76
N PRO I 74 26.14 -50.85 36.80
CA PRO I 74 27.39 -51.50 36.41
C PRO I 74 27.83 -52.49 37.49
N ASP I 75 28.39 -53.60 37.03
CA ASP I 75 29.03 -54.60 37.90
C ASP I 75 30.54 -54.54 37.69
N PRO I 76 31.27 -53.73 38.47
CA PRO I 76 32.69 -53.51 38.16
C PRO I 76 33.55 -54.73 38.45
N ALA I 77 34.79 -54.51 38.89
CA ALA I 77 35.77 -55.58 39.05
C ALA I 77 36.23 -55.78 40.49
N PRO I 78 35.30 -56.09 41.43
CA PRO I 78 35.78 -56.57 42.74
C PRO I 78 36.12 -58.05 42.68
N HIS I 79 35.25 -58.80 42.04
CA HIS I 79 35.42 -60.24 41.87
C HIS I 79 36.11 -60.58 40.55
N MET I 80 36.13 -59.66 39.60
CA MET I 80 36.79 -59.92 38.32
C MET I 80 38.29 -60.17 38.52
N GLU I 81 38.96 -59.28 39.26
CA GLU I 81 40.38 -59.46 39.51
C GLU I 81 40.66 -60.58 40.51
N ASN I 82 39.73 -60.88 41.41
CA ASN I 82 39.95 -62.03 42.29
C ASN I 82 39.76 -63.32 41.52
N LEU I 83 38.84 -63.33 40.55
CA LEU I 83 38.70 -64.50 39.70
C LEU I 83 39.92 -64.69 38.81
N LYS I 84 40.56 -63.60 38.38
CA LYS I 84 41.80 -63.77 37.63
C LYS I 84 42.98 -64.15 38.54
N CYS I 85 42.95 -63.75 39.81
CA CYS I 85 44.03 -64.18 40.71
C CYS I 85 43.88 -65.65 41.06
N ARG I 86 42.66 -66.11 41.33
CA ARG I 86 42.44 -67.55 41.47
C ARG I 86 42.79 -68.28 40.18
N GLY I 87 42.64 -67.61 39.04
CA GLY I 87 43.16 -68.17 37.81
C GLY I 87 44.67 -68.31 37.83
N GLU I 88 45.36 -67.35 38.46
CA GLU I 88 46.80 -67.49 38.63
C GLU I 88 47.16 -68.68 39.51
N THR I 89 46.45 -68.85 40.63
CA THR I 89 46.73 -69.94 41.54
C THR I 89 46.55 -71.28 40.84
N VAL I 90 45.39 -71.49 40.21
CA VAL I 90 45.16 -72.76 39.53
C VAL I 90 46.11 -72.94 38.35
N ALA I 91 46.47 -71.85 37.68
CA ALA I 91 47.38 -71.94 36.54
C ALA I 91 48.75 -72.46 36.97
N LYS I 92 49.39 -71.79 37.94
CA LYS I 92 50.69 -72.27 38.40
C LYS I 92 50.57 -73.64 39.05
N GLU I 93 49.44 -73.93 39.69
CA GLU I 93 49.26 -75.21 40.35
C GLU I 93 49.26 -76.36 39.33
N ILE I 94 48.48 -76.23 38.25
CA ILE I 94 48.50 -77.29 37.25
C ILE I 94 49.82 -77.28 36.49
N SER I 95 50.53 -76.15 36.48
CA SER I 95 51.88 -76.14 35.91
C SER I 95 52.81 -77.04 36.71
N GLU I 96 52.87 -76.83 38.04
CA GLU I 96 53.73 -77.63 38.89
C GLU I 96 53.27 -79.09 38.97
N ALA I 97 51.98 -79.34 38.74
CA ALA I 97 51.53 -80.73 38.58
C ALA I 97 52.07 -81.32 37.28
N MET I 98 52.04 -80.55 36.19
CA MET I 98 52.59 -81.02 34.93
C MET I 98 54.09 -81.27 35.01
N LYS I 99 54.81 -80.58 35.89
CA LYS I 99 56.24 -80.87 36.01
C LYS I 99 56.53 -81.98 37.03
N SER I 100 55.70 -82.11 38.07
CA SER I 100 55.95 -83.12 39.10
C SER I 100 55.41 -84.49 38.75
N LEU I 101 54.46 -84.58 37.82
CA LEU I 101 53.91 -85.90 37.49
C LEU I 101 54.91 -86.75 36.71
N PRO I 102 55.56 -86.26 35.65
CA PRO I 102 56.55 -87.10 34.96
C PRO I 102 57.71 -87.52 35.85
N ALA I 103 58.01 -86.77 36.91
CA ALA I 103 58.99 -87.23 37.89
C ALA I 103 58.51 -88.50 38.58
N LEU I 104 57.23 -88.54 38.91
CA LEU I 104 56.64 -89.77 39.44
C LEU I 104 56.57 -90.86 38.37
N ILE I 105 56.54 -90.49 37.09
CA ILE I 105 56.69 -91.49 36.04
C ILE I 105 58.11 -92.06 36.05
N GLU I 106 59.10 -91.21 36.34
CA GLU I 106 60.47 -91.70 36.45
C GLU I 106 60.64 -92.63 37.64
N GLN I 107 60.03 -92.29 38.78
CA GLN I 107 59.96 -93.25 39.88
C GLN I 107 59.21 -94.51 39.46
N GLY I 108 58.25 -94.39 38.54
CA GLY I 108 57.48 -95.52 38.07
C GLY I 108 58.28 -96.51 37.27
N GLU I 109 58.92 -96.06 36.18
CA GLU I 109 59.70 -96.96 35.35
C GLU I 109 61.09 -97.19 35.90
N GLY I 110 61.45 -96.52 37.01
CA GLY I 110 62.67 -96.89 37.71
C GLY I 110 62.53 -98.15 38.53
N PHE I 111 61.30 -98.47 38.95
CA PHE I 111 61.03 -99.65 39.77
C PHE I 111 60.50 -100.83 38.97
N SER I 112 60.30 -100.68 37.66
CA SER I 112 59.65 -101.72 36.88
C SER I 112 60.61 -102.78 36.35
N GLN I 113 61.92 -102.57 36.48
CA GLN I 113 62.90 -103.55 36.01
C GLN I 113 63.67 -104.17 37.18
N VAL I 114 64.41 -103.37 37.94
CA VAL I 114 65.21 -103.85 39.05
C VAL I 114 64.85 -103.09 40.32
N LEU J 11 -35.36 31.83 -15.37
CA LEU J 11 -35.49 30.83 -16.42
C LEU J 11 -35.15 29.43 -15.92
N ASP J 12 -33.92 29.01 -16.22
CA ASP J 12 -33.41 27.65 -16.10
C ASP J 12 -34.41 26.61 -15.60
N HIS J 13 -35.32 26.20 -16.48
CA HIS J 13 -36.16 25.02 -16.24
C HIS J 13 -35.52 23.87 -17.02
N LEU J 14 -34.63 23.15 -16.35
CA LEU J 14 -33.82 22.13 -16.98
C LEU J 14 -34.36 20.75 -16.66
N LYS J 15 -34.40 19.88 -17.67
CA LYS J 15 -34.65 18.46 -17.45
C LYS J 15 -33.52 17.89 -16.61
N ASN J 16 -33.77 17.68 -15.33
CA ASN J 16 -32.73 17.28 -14.38
C ASN J 16 -32.80 15.78 -14.13
N GLY J 17 -31.83 15.28 -13.36
CA GLY J 17 -31.72 13.86 -13.11
C GLY J 17 -30.77 13.17 -14.07
N TYR J 18 -31.28 12.83 -15.26
CA TYR J 18 -30.56 12.03 -16.24
C TYR J 18 -30.04 10.75 -15.61
N ARG J 19 -30.86 9.70 -15.62
CA ARG J 19 -30.49 8.44 -15.00
C ARG J 19 -29.17 7.93 -15.57
N ARG J 20 -28.38 7.28 -14.70
CA ARG J 20 -27.03 6.88 -15.11
C ARG J 20 -27.05 5.52 -15.81
N ARG J 21 -27.62 4.51 -15.17
CA ARG J 21 -27.75 3.17 -15.75
C ARG J 21 -29.22 2.95 -16.08
N PHE J 22 -29.63 3.42 -17.26
CA PHE J 22 -31.02 3.43 -17.67
C PHE J 22 -31.15 2.83 -19.07
N CYS J 23 -31.95 1.77 -19.18
CA CYS J 23 -32.39 1.11 -20.41
C CYS J 23 -31.53 1.39 -21.63
N ARG J 24 -30.39 0.68 -21.75
CA ARG J 24 -29.49 0.76 -22.90
C ARG J 24 -28.68 -0.52 -22.95
N PRO J 25 -28.42 -1.06 -24.16
CA PRO J 25 -27.65 -2.30 -24.32
C PRO J 25 -26.20 -2.16 -23.88
#